data_5FOF
#
_entry.id   5FOF
#
_cell.length_a   94.030
_cell.length_b   96.820
_cell.length_c   168.910
_cell.angle_alpha   90.00
_cell.angle_beta   90.00
_cell.angle_gamma   90.00
#
_symmetry.space_group_name_H-M   'P 21 21 21'
#
loop_
_entity.id
_entity.type
_entity.pdbx_description
1 polymer 'LEUCYL-TRNA SYNTHETASE'
2 water water
#
_entity_poly.entity_id   1
_entity_poly.type   'polypeptide(L)'
_entity_poly.pdbx_seq_one_letter_code
;MLHHHHHHPMSDYDIPTTENLYFQGAMGKCQEFTLIKIYVHDYKEFYEIYLRNKKLNEKDSLKNENVNENFFSQKKIILL
ASTLKPETAYGQNYTFVNPGEYYYVTLGFNKQRLHYGDKNYVNNVMTRDEIIDSCENVYICSENSLYNLAYQGVIPMLSK
GSSPFSDLLILMKIKGEELVGLRTYSNLSEKKDLYILPMTTIKMNIATAIVPCVSSDSADDYACLQDIRRKQAYYCEKYN
LKDEFLHNESFSCIQLPDIGDNTGKYFYEMEKISSYKDAKLQKVKETLYKKQYFEGTMTVEPYKGMKIYNCRKLVKQYII
KNNEGFLYSE
;
_entity_poly.pdbx_strand_id   A,B,C,D
#
# COMPACT_ATOMS: atom_id res chain seq x y z
N LEU A 21 21.74 20.31 29.84
CA LEU A 21 22.11 20.28 28.38
C LEU A 21 21.93 18.90 27.79
N TYR A 22 21.25 18.85 26.64
CA TYR A 22 20.93 17.61 25.96
C TYR A 22 21.44 17.62 24.51
N PHE A 23 21.71 16.41 24.02
CA PHE A 23 22.16 16.13 22.67
C PHE A 23 21.53 14.81 22.19
N GLN A 24 20.73 14.87 21.13
CA GLN A 24 20.03 13.71 20.54
C GLN A 24 19.10 13.01 21.50
N GLY A 25 18.58 13.75 22.49
CA GLY A 25 17.65 13.22 23.51
C GLY A 25 18.28 12.66 24.77
N ALA A 26 19.58 12.85 24.95
CA ALA A 26 20.31 12.31 26.10
C ALA A 26 21.08 13.42 26.82
N MET A 27 21.35 13.22 28.11
CA MET A 27 22.15 14.18 28.88
C MET A 27 23.57 14.18 28.32
N GLY A 28 24.04 15.36 27.89
CA GLY A 28 25.35 15.49 27.27
C GLY A 28 26.51 15.25 28.24
N LYS A 29 26.35 15.82 29.44
CA LYS A 29 27.22 15.62 30.62
C LYS A 29 27.83 14.22 30.77
N CYS A 30 27.03 13.18 30.56
CA CYS A 30 27.33 11.80 30.97
C CYS A 30 28.26 10.94 30.09
N GLN A 31 28.25 11.10 28.77
CA GLN A 31 28.92 10.09 27.91
C GLN A 31 30.07 10.65 27.11
N GLU A 32 30.89 9.72 26.61
CA GLU A 32 31.71 9.89 25.44
C GLU A 32 30.84 10.17 24.24
N PHE A 33 31.25 11.15 23.43
CA PHE A 33 30.76 11.28 22.07
C PHE A 33 31.64 10.41 21.21
N THR A 34 31.05 9.97 20.12
CA THR A 34 31.76 9.32 19.05
C THR A 34 31.86 10.37 17.93
N LEU A 35 33.08 10.68 17.51
CA LEU A 35 33.28 11.55 16.35
C LEU A 35 33.44 10.68 15.10
N ILE A 36 32.62 10.92 14.08
CA ILE A 36 32.70 10.20 12.79
C ILE A 36 33.26 11.13 11.69
N LYS A 37 34.22 10.60 10.93
CA LYS A 37 34.81 11.33 9.81
C LYS A 37 33.85 11.46 8.64
N ILE A 38 33.41 12.69 8.36
CA ILE A 38 32.58 12.97 7.21
C ILE A 38 33.46 13.66 6.16
N TYR A 39 33.71 12.96 5.06
CA TYR A 39 34.71 13.39 4.06
C TYR A 39 34.03 14.26 3.03
N VAL A 40 34.74 15.29 2.60
CA VAL A 40 34.30 16.10 1.49
C VAL A 40 34.61 15.33 0.20
N HIS A 41 33.65 15.29 -0.71
CA HIS A 41 33.80 14.50 -1.93
C HIS A 41 34.79 15.09 -2.93
N ASP A 42 34.73 16.42 -3.12
CA ASP A 42 35.55 17.11 -4.11
C ASP A 42 36.23 18.32 -3.47
N TYR A 43 37.54 18.19 -3.27
CA TYR A 43 38.36 19.24 -2.67
C TYR A 43 38.30 20.59 -3.41
N LYS A 44 37.93 20.58 -4.70
CA LYS A 44 37.75 21.80 -5.47
C LYS A 44 36.49 22.53 -5.05
N GLU A 45 35.39 21.81 -4.87
CA GLU A 45 34.19 22.43 -4.29
C GLU A 45 34.45 23.04 -2.91
N PHE A 46 35.30 22.43 -2.09
CA PHE A 46 35.69 23.04 -0.82
C PHE A 46 36.64 24.21 -1.05
N TYR A 47 37.59 24.05 -1.98
CA TYR A 47 38.53 25.12 -2.31
C TYR A 47 37.84 26.37 -2.84
N GLU A 48 36.78 26.20 -3.63
CA GLU A 48 36.01 27.36 -4.07
C GLU A 48 35.58 28.17 -2.87
N ILE A 49 34.91 27.49 -1.93
CA ILE A 49 34.41 28.09 -0.68
C ILE A 49 35.55 28.80 0.05
N TYR A 50 36.73 28.19 0.08
CA TYR A 50 37.86 28.79 0.76
C TYR A 50 38.28 30.13 0.12
N LEU A 51 38.30 30.19 -1.22
CA LEU A 51 38.72 31.41 -1.96
C LEU A 51 37.74 32.54 -1.77
N ARG A 52 36.46 32.23 -1.88
CA ARG A 52 35.42 33.19 -1.61
C ARG A 52 35.55 33.77 -0.18
N ASN A 53 35.74 32.90 0.82
CA ASN A 53 35.83 33.38 2.22
C ASN A 53 37.22 33.86 2.66
N LYS A 54 38.23 33.64 1.81
CA LYS A 54 39.55 34.27 1.96
C LYS A 54 39.43 35.80 1.87
N LYS A 55 38.80 36.29 0.81
CA LYS A 55 38.54 37.72 0.56
C LYS A 55 38.11 38.54 1.81
N LEU A 56 37.17 37.99 2.59
CA LEU A 56 36.69 38.65 3.80
C LEU A 56 37.61 38.36 4.99
N GLU A 65 48.70 31.73 1.74
CA GLU A 65 49.30 32.02 0.43
C GLU A 65 49.68 30.73 -0.28
N ASN A 66 50.48 29.92 0.41
CA ASN A 66 50.80 28.55 -0.02
C ASN A 66 49.65 27.55 0.27
N VAL A 67 48.62 28.01 0.97
CA VAL A 67 47.38 27.25 1.12
C VAL A 67 46.62 27.33 -0.22
N ASN A 68 47.04 26.49 -1.17
CA ASN A 68 46.57 26.45 -2.56
C ASN A 68 45.50 25.41 -2.78
N GLU A 69 45.02 25.34 -4.01
CA GLU A 69 44.37 24.14 -4.52
C GLU A 69 45.21 22.87 -4.37
N ASN A 70 46.51 22.98 -4.66
CA ASN A 70 47.45 21.86 -4.53
C ASN A 70 47.59 21.34 -3.08
N PHE A 71 47.42 22.23 -2.10
CA PHE A 71 47.44 21.87 -0.67
C PHE A 71 46.22 21.03 -0.31
N PHE A 72 45.02 21.53 -0.63
CA PHE A 72 43.79 20.79 -0.41
C PHE A 72 43.63 19.50 -1.23
N SER A 73 44.37 19.35 -2.33
CA SER A 73 44.41 18.06 -3.05
C SER A 73 45.17 16.98 -2.27
N GLN A 74 46.20 17.36 -1.52
CA GLN A 74 47.04 16.39 -0.81
C GLN A 74 46.51 15.98 0.58
N LYS A 75 45.43 16.61 1.02
CA LYS A 75 44.86 16.35 2.33
C LYS A 75 43.43 15.93 2.21
N LYS A 76 43.01 15.05 3.10
CA LYS A 76 41.60 14.73 3.22
C LYS A 76 40.93 15.85 4.01
N ILE A 77 39.76 16.28 3.56
CA ILE A 77 39.05 17.40 4.15
C ILE A 77 37.87 16.80 4.86
N ILE A 78 37.85 16.90 6.19
CA ILE A 78 36.94 16.11 7.02
C ILE A 78 36.17 16.99 8.00
N LEU A 79 34.84 16.86 8.00
CA LEU A 79 34.04 17.40 9.08
C LEU A 79 33.99 16.32 10.18
N LEU A 80 34.35 16.68 11.41
CA LEU A 80 34.20 15.79 12.54
C LEU A 80 32.78 15.92 13.06
N ALA A 81 31.95 14.92 12.75
CA ALA A 81 30.57 14.88 13.18
C ALA A 81 30.49 14.15 14.54
N SER A 82 29.67 14.68 15.45
CA SER A 82 29.52 14.16 16.82
C SER A 82 28.22 13.36 16.92
N THR A 83 28.26 12.24 17.65
CA THR A 83 27.04 11.44 17.85
C THR A 83 27.18 10.56 19.08
N LEU A 84 26.05 10.35 19.74
CA LEU A 84 25.95 9.41 20.84
C LEU A 84 25.19 8.15 20.38
N LYS A 85 24.79 8.12 19.10
CA LYS A 85 24.11 6.99 18.48
C LYS A 85 24.88 6.46 17.26
N PRO A 86 26.15 6.06 17.44
CA PRO A 86 26.94 5.60 16.27
C PRO A 86 26.39 4.37 15.58
N GLU A 87 25.56 3.58 16.28
CA GLU A 87 24.79 2.48 15.65
C GLU A 87 23.84 2.88 14.54
N THR A 88 23.43 4.15 14.46
CA THR A 88 22.56 4.60 13.36
C THR A 88 23.34 5.11 12.14
N ALA A 89 24.67 5.20 12.24
CA ALA A 89 25.47 5.78 11.17
C ALA A 89 25.29 5.14 9.78
N TYR A 90 24.93 3.85 9.75
CA TYR A 90 24.55 3.19 8.50
C TYR A 90 23.46 3.98 7.78
N GLY A 91 22.50 4.48 8.57
CA GLY A 91 21.37 5.25 8.06
C GLY A 91 21.60 6.71 7.77
N GLN A 92 22.82 7.21 7.96
CA GLN A 92 23.13 8.62 7.63
C GLN A 92 22.84 9.02 6.17
N ASN A 93 21.78 9.80 5.98
CA ASN A 93 21.46 10.41 4.68
C ASN A 93 21.93 11.88 4.48
N TYR A 94 22.18 12.64 5.56
CA TYR A 94 22.77 13.99 5.44
C TYR A 94 23.74 14.28 6.57
N THR A 95 24.27 15.49 6.60
CA THR A 95 25.05 15.98 7.75
C THR A 95 24.61 17.40 8.10
N PHE A 96 24.40 17.67 9.40
CA PHE A 96 23.84 18.95 9.82
C PHE A 96 24.89 19.85 10.42
N VAL A 97 24.84 21.12 10.01
CA VAL A 97 25.55 22.22 10.66
C VAL A 97 24.55 23.34 10.99
N ASN A 98 24.97 24.25 11.86
CA ASN A 98 24.18 25.43 12.18
C ASN A 98 24.61 26.51 11.20
N PRO A 99 23.67 27.01 10.37
CA PRO A 99 24.07 27.97 9.33
C PRO A 99 24.44 29.35 9.84
N GLY A 100 23.84 29.76 10.96
CA GLY A 100 24.11 31.08 11.56
C GLY A 100 25.45 31.22 12.26
N GLU A 101 26.04 30.11 12.69
CA GLU A 101 27.20 30.15 13.58
C GLU A 101 28.49 29.82 12.84
N TYR A 102 29.62 30.14 13.46
CA TYR A 102 30.95 29.94 12.88
C TYR A 102 31.55 28.57 13.20
N TYR A 103 32.21 27.99 12.19
CA TYR A 103 32.97 26.76 12.30
C TYR A 103 34.42 27.05 11.96
N TYR A 104 35.34 26.22 12.45
CA TYR A 104 36.78 26.49 12.38
C TYR A 104 37.49 25.37 11.62
N VAL A 105 38.43 25.74 10.77
CA VAL A 105 39.09 24.80 9.87
C VAL A 105 40.53 24.72 10.30
N THR A 106 40.99 23.51 10.59
CA THR A 106 42.33 23.31 11.14
C THR A 106 42.97 22.08 10.51
N LEU A 107 44.18 21.77 10.92
CA LEU A 107 44.86 20.57 10.51
C LEU A 107 45.02 19.66 11.71
N GLY A 108 44.82 18.36 11.50
CA GLY A 108 45.02 17.36 12.56
C GLY A 108 45.44 16.01 12.03
N PHE A 109 45.46 15.04 12.94
CA PHE A 109 46.05 13.72 12.68
C PHE A 109 44.97 12.74 12.29
N ASN A 110 45.37 11.67 11.59
CA ASN A 110 44.44 10.60 11.16
C ASN A 110 44.02 9.65 12.31
N LYS A 111 44.99 9.38 13.19
CA LYS A 111 44.82 8.61 14.42
C LYS A 111 45.28 9.52 15.57
N GLN A 112 44.74 9.32 16.78
CA GLN A 112 45.15 10.12 17.97
C GLN A 112 46.62 9.91 18.31
N ARG A 113 47.37 11.00 18.42
CA ARG A 113 48.80 10.96 18.68
C ARG A 113 49.01 11.40 20.12
N LEU A 114 49.48 10.48 20.96
CA LEU A 114 49.48 10.66 22.40
C LEU A 114 50.90 10.97 22.92
N HIS A 115 51.51 12.02 22.38
CA HIS A 115 52.79 12.55 22.91
C HIS A 115 52.53 13.30 24.22
N TYR A 116 53.23 12.89 25.27
CA TYR A 116 53.18 13.51 26.59
C TYR A 116 54.44 14.34 26.78
N GLY A 117 55.59 13.67 26.75
CA GLY A 117 56.89 14.30 26.98
C GLY A 117 57.02 14.97 28.34
N ASP A 118 57.45 16.23 28.32
CA ASP A 118 57.64 17.06 29.51
C ASP A 118 56.37 17.23 30.38
N LYS A 119 55.20 17.18 29.75
CA LYS A 119 53.92 17.48 30.42
C LYS A 119 53.12 16.24 30.81
N ASN A 120 52.09 16.48 31.60
CA ASN A 120 51.13 15.45 32.06
C ASN A 120 49.94 15.27 31.09
N TYR A 121 49.48 16.39 30.51
CA TYR A 121 48.45 16.37 29.46
C TYR A 121 49.12 16.05 28.12
N VAL A 122 48.29 15.65 27.15
CA VAL A 122 48.74 15.38 25.78
C VAL A 122 48.96 16.74 25.08
N ASN A 123 50.05 16.83 24.32
CA ASN A 123 50.45 18.08 23.67
C ASN A 123 51.44 17.83 22.52
N ASN A 124 50.94 17.97 21.31
CA ASN A 124 51.74 17.82 20.12
C ASN A 124 52.12 19.20 19.58
N VAL A 125 52.98 19.88 20.33
CA VAL A 125 53.39 21.25 20.01
C VAL A 125 54.26 21.21 18.76
N MET A 126 53.81 21.93 17.73
CA MET A 126 54.45 21.96 16.43
C MET A 126 54.51 23.39 15.87
N THR A 127 55.45 23.64 14.97
CA THR A 127 55.49 24.89 14.21
C THR A 127 54.55 24.84 13.02
N ARG A 128 54.18 26.00 12.50
CA ARG A 128 53.37 26.05 11.29
C ARG A 128 53.80 25.00 10.25
N ASP A 129 55.10 24.98 9.90
CA ASP A 129 55.61 24.02 8.88
C ASP A 129 55.51 22.57 9.32
N GLU A 130 55.91 22.27 10.54
CA GLU A 130 55.79 20.90 11.08
C GLU A 130 54.35 20.36 11.06
N ILE A 131 53.40 21.22 11.40
CA ILE A 131 51.97 20.90 11.32
C ILE A 131 51.58 20.55 9.90
N ILE A 132 51.97 21.40 8.95
CA ILE A 132 51.65 21.18 7.53
C ILE A 132 52.24 19.87 6.99
N ASP A 133 53.43 19.47 7.48
CA ASP A 133 53.98 18.15 7.12
C ASP A 133 53.17 17.01 7.73
N SER A 134 53.09 16.98 9.05
CA SER A 134 52.59 15.80 9.78
C SER A 134 51.06 15.57 9.75
N CYS A 135 50.27 16.53 9.26
CA CYS A 135 48.82 16.43 9.30
C CYS A 135 48.29 16.18 7.92
N GLU A 136 47.73 14.98 7.71
CA GLU A 136 47.17 14.59 6.41
C GLU A 136 45.71 14.98 6.26
N ASN A 137 45.10 15.50 7.32
CA ASN A 137 43.67 15.74 7.36
C ASN A 137 43.37 17.19 7.70
N VAL A 138 42.44 17.80 6.96
CA VAL A 138 41.92 19.12 7.26
C VAL A 138 40.61 18.87 7.99
N TYR A 139 40.55 19.25 9.27
CA TYR A 139 39.34 19.05 10.03
C TYR A 139 38.54 20.33 10.13
N ILE A 140 37.23 20.17 10.13
CA ILE A 140 36.27 21.24 10.32
C ILE A 140 35.45 20.90 11.57
N CYS A 141 35.37 21.84 12.51
CA CYS A 141 34.65 21.65 13.75
C CYS A 141 34.43 22.94 14.50
N SER A 142 33.52 22.90 15.47
CA SER A 142 33.21 24.03 16.34
C SER A 142 34.39 24.52 17.16
N GLU A 143 34.29 25.77 17.59
CA GLU A 143 35.29 26.38 18.47
C GLU A 143 35.36 25.58 19.78
N ASN A 144 34.17 25.24 20.29
CA ASN A 144 34.05 24.48 21.53
C ASN A 144 34.96 23.27 21.59
N SER A 145 35.06 22.52 20.49
CA SER A 145 35.78 21.25 20.45
C SER A 145 37.28 21.33 20.34
N LEU A 146 37.79 22.43 19.82
CA LEU A 146 39.19 22.53 19.40
C LEU A 146 40.20 22.16 20.46
N TYR A 147 40.14 22.83 21.61
CA TYR A 147 41.12 22.58 22.64
C TYR A 147 40.95 21.18 23.22
N ASN A 148 39.70 20.76 23.32
CA ASN A 148 39.41 19.37 23.66
C ASN A 148 40.04 18.37 22.68
N LEU A 149 39.91 18.64 21.39
CA LEU A 149 40.52 17.79 20.36
C LEU A 149 42.06 17.77 20.49
N ALA A 150 42.65 18.93 20.78
CA ALA A 150 44.10 19.04 20.96
C ALA A 150 44.62 18.26 22.19
N TYR A 151 43.89 18.36 23.30
CA TYR A 151 44.20 17.59 24.51
C TYR A 151 43.92 16.08 24.40
N GLN A 152 43.05 15.68 23.47
CA GLN A 152 42.88 14.25 23.17
C GLN A 152 43.73 13.77 21.97
N GLY A 153 44.69 14.61 21.56
CA GLY A 153 45.69 14.23 20.57
C GLY A 153 45.28 14.23 19.11
N VAL A 154 44.09 14.75 18.78
CA VAL A 154 43.58 14.71 17.39
C VAL A 154 44.17 15.84 16.54
N ILE A 155 44.49 16.98 17.16
CA ILE A 155 45.14 18.11 16.48
C ILE A 155 46.35 18.57 17.28
N PRO A 156 47.36 19.12 16.57
CA PRO A 156 48.52 19.71 17.25
C PRO A 156 48.23 21.10 17.80
N MET A 157 49.12 21.59 18.65
CA MET A 157 49.11 22.99 19.10
C MET A 157 50.22 23.73 18.37
N LEU A 158 49.96 24.99 18.02
CA LEU A 158 50.92 25.85 17.27
C LEU A 158 51.87 26.60 18.19
N SER A 159 53.13 26.70 17.78
CA SER A 159 54.16 27.42 18.56
C SER A 159 55.33 27.90 17.69
N LYS A 160 55.96 29.00 18.10
CA LYS A 160 57.29 29.43 17.59
C LYS A 160 58.36 29.30 18.68
N GLY A 161 58.05 28.57 19.76
CA GLY A 161 58.96 28.46 20.91
C GLY A 161 59.25 29.75 21.65
N SER A 162 58.29 30.69 21.64
CA SER A 162 58.45 31.99 22.33
C SER A 162 57.14 32.48 22.98
N SER A 163 56.30 31.54 23.40
CA SER A 163 55.18 31.86 24.26
C SER A 163 54.83 30.62 25.09
N PRO A 164 54.58 30.81 26.40
CA PRO A 164 54.09 29.72 27.22
C PRO A 164 52.59 29.44 26.98
N PHE A 165 51.88 30.40 26.41
CA PHE A 165 50.45 30.27 26.15
C PHE A 165 50.21 29.46 24.89
N SER A 166 49.11 28.71 24.89
CA SER A 166 48.77 27.80 23.80
C SER A 166 48.27 28.56 22.60
N ASP A 167 48.29 27.89 21.45
CA ASP A 167 47.77 28.44 20.21
C ASP A 167 47.41 27.28 19.26
N LEU A 168 46.44 27.51 18.39
CA LEU A 168 46.05 26.53 17.37
C LEU A 168 46.27 27.13 15.98
N LEU A 169 46.53 26.29 14.99
CA LEU A 169 46.62 26.73 13.58
C LEU A 169 45.24 26.68 12.93
N ILE A 170 44.68 27.85 12.64
CA ILE A 170 43.33 27.96 12.07
C ILE A 170 43.48 28.43 10.63
N LEU A 171 43.09 27.59 9.67
CA LEU A 171 43.23 27.96 8.26
C LEU A 171 42.14 28.94 7.86
N MET A 172 40.93 28.75 8.38
CA MET A 172 39.86 29.71 8.16
C MET A 172 38.72 29.57 9.14
N LYS A 173 37.85 30.57 9.14
CA LYS A 173 36.69 30.65 10.00
C LYS A 173 35.50 30.97 9.09
N ILE A 174 34.51 30.09 9.03
CA ILE A 174 33.36 30.30 8.15
C ILE A 174 32.04 29.91 8.78
N LYS A 175 30.98 30.58 8.35
CA LYS A 175 29.64 30.29 8.83
C LYS A 175 29.19 29.00 8.19
N GLY A 176 28.37 28.25 8.91
CA GLY A 176 27.85 27.00 8.42
C GLY A 176 27.09 27.11 7.12
N GLU A 177 26.49 28.29 6.88
CA GLU A 177 25.95 28.73 5.58
C GLU A 177 26.80 28.31 4.40
N GLU A 178 28.09 28.57 4.53
CA GLU A 178 29.06 28.36 3.46
C GLU A 178 29.24 26.88 3.15
N LEU A 179 29.15 26.03 4.17
CA LEU A 179 29.27 24.59 4.01
C LEU A 179 28.02 23.94 3.43
N VAL A 180 26.86 24.56 3.56
CA VAL A 180 25.62 23.91 3.15
C VAL A 180 25.65 23.56 1.65
N GLY A 181 25.16 22.38 1.34
CA GLY A 181 25.18 21.85 -0.02
C GLY A 181 26.42 21.09 -0.43
N LEU A 182 27.50 21.14 0.36
CA LEU A 182 28.71 20.37 0.04
C LEU A 182 28.40 18.90 0.00
N ARG A 183 28.90 18.25 -1.04
CA ARG A 183 28.75 16.83 -1.24
C ARG A 183 29.73 16.17 -0.27
N THR A 184 29.25 15.19 0.47
CA THR A 184 30.01 14.58 1.56
C THR A 184 29.71 13.09 1.65
N TYR A 185 30.64 12.35 2.21
CA TYR A 185 30.36 10.95 2.51
C TYR A 185 30.97 10.55 3.85
N SER A 186 30.48 9.44 4.41
CA SER A 186 31.21 8.74 5.45
C SER A 186 31.50 7.35 4.95
N ASN A 187 32.50 6.71 5.54
CA ASN A 187 32.78 5.30 5.25
C ASN A 187 31.93 4.30 6.05
N LEU A 188 30.92 4.77 6.77
CA LEU A 188 29.96 3.89 7.47
C LEU A 188 28.58 3.92 6.87
N SER A 189 28.26 4.94 6.08
CA SER A 189 26.90 5.11 5.55
C SER A 189 26.61 4.15 4.42
N GLU A 190 25.34 3.79 4.29
CA GLU A 190 24.87 3.00 3.18
C GLU A 190 25.10 3.73 1.85
N LYS A 191 24.61 4.98 1.74
CA LYS A 191 24.83 5.77 0.51
C LYS A 191 25.96 6.73 0.71
N LYS A 192 26.59 7.16 -0.40
CA LYS A 192 27.79 7.99 -0.36
C LYS A 192 27.57 9.42 -0.86
N ASP A 193 26.37 9.76 -1.32
CA ASP A 193 26.10 11.13 -1.74
C ASP A 193 25.20 11.78 -0.68
N LEU A 194 25.87 12.23 0.39
CA LEU A 194 25.27 12.94 1.52
C LEU A 194 25.61 14.40 1.39
N TYR A 195 24.66 15.26 1.73
CA TYR A 195 24.84 16.69 1.58
C TYR A 195 24.81 17.36 2.96
N ILE A 196 25.41 18.54 3.02
CA ILE A 196 25.41 19.34 4.24
C ILE A 196 24.13 20.17 4.21
N LEU A 197 23.30 19.95 5.23
CA LEU A 197 22.01 20.63 5.37
C LEU A 197 22.06 21.51 6.62
N PRO A 198 21.23 22.56 6.66
CA PRO A 198 21.23 23.49 7.78
C PRO A 198 20.26 23.10 8.89
N MET A 199 20.74 23.03 10.13
CA MET A 199 19.86 22.89 11.32
C MET A 199 20.15 24.01 12.35
N THR A 200 19.18 24.89 12.59
CA THR A 200 19.39 26.07 13.44
C THR A 200 19.45 25.75 14.94
N THR A 201 18.86 24.64 15.36
CA THR A 201 18.83 24.26 16.76
C THR A 201 20.07 23.51 17.25
N ILE A 202 21.09 23.31 16.40
CA ILE A 202 22.37 22.75 16.87
C ILE A 202 23.03 23.68 17.89
N LYS A 203 23.51 23.10 18.97
CA LYS A 203 24.12 23.86 20.05
C LYS A 203 25.63 23.91 19.90
N MET A 204 26.15 25.13 19.85
CA MET A 204 27.56 25.36 19.57
C MET A 204 28.50 25.05 20.74
N ASN A 205 27.92 24.84 21.92
CA ASN A 205 28.67 24.43 23.10
C ASN A 205 28.50 22.93 23.42
N ILE A 206 27.97 22.14 22.48
CA ILE A 206 27.99 20.67 22.59
C ILE A 206 28.88 20.00 21.51
N ALA A 207 29.95 19.36 21.98
CA ALA A 207 30.93 18.70 21.15
C ALA A 207 31.27 19.49 19.87
N THR A 208 31.31 18.88 18.68
CA THR A 208 31.80 19.57 17.46
C THR A 208 30.76 20.43 16.76
N ALA A 209 29.50 20.26 17.12
CA ALA A 209 28.39 21.04 16.56
C ALA A 209 28.13 20.70 15.07
N ILE A 210 28.59 19.52 14.67
CA ILE A 210 28.28 18.91 13.39
C ILE A 210 27.74 17.53 13.73
N VAL A 211 26.60 17.17 13.18
CA VAL A 211 25.88 15.98 13.62
C VAL A 211 25.41 15.24 12.40
N PRO A 212 25.50 13.90 12.42
CA PRO A 212 24.93 13.13 11.33
C PRO A 212 23.43 13.27 11.35
N CYS A 213 22.82 13.40 10.18
CA CYS A 213 21.37 13.35 10.05
C CYS A 213 21.01 11.91 9.77
N VAL A 214 20.16 11.31 10.59
CA VAL A 214 19.62 9.98 10.34
C VAL A 214 18.10 10.03 10.49
N SER A 215 17.43 10.39 9.40
CA SER A 215 16.01 10.73 9.45
C SER A 215 15.11 9.54 9.68
N SER A 216 15.63 8.31 9.55
CA SER A 216 14.86 7.11 9.89
C SER A 216 14.77 6.85 11.40
N ASP A 217 15.85 7.13 12.13
CA ASP A 217 15.99 6.74 13.53
C ASP A 217 16.12 7.94 14.47
N SER A 218 15.76 9.12 14.00
CA SER A 218 15.73 10.34 14.84
C SER A 218 14.53 11.20 14.48
N ALA A 219 13.74 11.56 15.49
CA ALA A 219 12.56 12.38 15.29
C ALA A 219 12.95 13.80 14.90
N ASP A 220 14.04 14.27 15.48
CA ASP A 220 14.57 15.61 15.25
C ASP A 220 15.11 15.74 13.81
N ASP A 221 15.84 14.70 13.37
CA ASP A 221 16.39 14.64 12.01
C ASP A 221 15.26 14.55 10.97
N TYR A 222 14.28 13.68 11.22
CA TYR A 222 13.09 13.59 10.32
C TYR A 222 12.34 14.93 10.17
N ALA A 223 12.24 15.67 11.27
CA ALA A 223 11.48 16.90 11.32
C ALA A 223 12.20 18.01 10.59
N CYS A 224 13.53 18.03 10.70
CA CYS A 224 14.32 19.03 10.01
C CYS A 224 14.26 18.81 8.50
N LEU A 225 14.36 17.55 8.08
CA LEU A 225 14.20 17.18 6.67
C LEU A 225 12.83 17.55 6.07
N GLN A 226 11.76 17.30 6.82
CA GLN A 226 10.38 17.64 6.39
C GLN A 226 10.23 19.13 6.12
N ASP A 227 10.66 19.94 7.08
CA ASP A 227 10.67 21.39 6.90
C ASP A 227 11.41 21.79 5.64
N ILE A 228 12.60 21.23 5.42
CA ILE A 228 13.44 21.60 4.27
C ILE A 228 12.78 21.18 2.94
N ARG A 229 12.16 20.01 2.92
CA ARG A 229 11.41 19.54 1.75
C ARG A 229 10.16 20.40 1.56
N ARG A 230 9.35 20.55 2.61
CA ARG A 230 8.20 21.47 2.61
C ARG A 230 8.52 22.88 2.04
N LYS A 231 9.75 23.36 2.22
CA LYS A 231 10.20 24.63 1.63
C LYS A 231 11.41 24.45 0.69
N GLN A 232 11.37 23.42 -0.16
CA GLN A 232 12.34 23.26 -1.26
C GLN A 232 12.75 24.64 -1.77
N ALA A 233 11.75 25.42 -2.16
CA ALA A 233 11.96 26.71 -2.84
C ALA A 233 12.83 27.69 -2.05
N TYR A 234 12.47 27.91 -0.80
CA TYR A 234 13.17 28.84 0.10
C TYR A 234 14.65 28.45 0.32
N TYR A 235 14.86 27.20 0.72
CA TYR A 235 16.20 26.72 1.01
C TYR A 235 17.12 26.73 -0.23
N CYS A 236 16.54 26.59 -1.43
CA CYS A 236 17.32 26.56 -2.68
C CYS A 236 17.73 27.96 -3.19
N GLU A 237 17.01 29.00 -2.80
CA GLU A 237 17.43 30.38 -3.09
C GLU A 237 18.48 30.85 -2.08
N LYS A 238 18.19 30.63 -0.81
CA LYS A 238 19.07 31.05 0.29
C LYS A 238 20.42 30.34 0.26
N TYR A 239 20.40 29.01 0.15
CA TYR A 239 21.62 28.20 0.15
C TYR A 239 21.93 27.63 -1.25
N ASN A 240 23.08 26.98 -1.38
CA ASN A 240 23.44 26.26 -2.60
C ASN A 240 22.91 24.82 -2.54
N LEU A 241 21.60 24.68 -2.70
CA LEU A 241 20.92 23.38 -2.68
C LEU A 241 19.99 23.23 -3.88
N LYS A 242 19.78 21.99 -4.31
CA LYS A 242 18.88 21.65 -5.43
C LYS A 242 17.82 20.70 -4.92
N ASP A 243 16.58 20.87 -5.39
CA ASP A 243 15.44 19.97 -5.10
C ASP A 243 15.79 18.47 -5.10
N GLU A 244 16.54 18.07 -6.13
CA GLU A 244 16.95 16.67 -6.31
C GLU A 244 17.90 16.15 -5.24
N PHE A 245 18.62 17.02 -4.55
CA PHE A 245 19.51 16.60 -3.46
C PHE A 245 18.82 16.34 -2.11
N LEU A 246 17.51 16.56 -2.04
CA LEU A 246 16.82 16.67 -0.76
C LEU A 246 15.88 15.51 -0.52
N HIS A 247 16.11 14.37 -1.18
CA HIS A 247 15.18 13.24 -1.02
C HIS A 247 15.86 11.90 -0.78
N ASN A 248 17.08 11.92 -0.25
CA ASN A 248 17.82 10.70 0.04
C ASN A 248 17.11 9.84 1.08
N GLU A 249 17.13 8.53 0.82
CA GLU A 249 16.68 7.50 1.75
C GLU A 249 17.62 7.47 2.94
N SER A 250 17.10 7.12 4.10
CA SER A 250 17.89 6.81 5.27
C SER A 250 17.48 5.41 5.70
N PHE A 251 18.41 4.46 5.58
CA PHE A 251 18.15 3.11 6.07
C PHE A 251 17.86 3.12 7.57
N SER A 252 16.76 2.50 7.97
CA SER A 252 16.36 2.47 9.38
C SER A 252 17.10 1.39 10.10
N CYS A 253 17.95 1.78 11.06
CA CYS A 253 18.82 0.85 11.76
C CYS A 253 18.21 0.23 13.02
N ILE A 254 17.03 0.70 13.46
CA ILE A 254 16.46 0.34 14.78
C ILE A 254 14.95 0.00 14.71
N GLN A 255 14.58 -1.15 15.31
CA GLN A 255 13.19 -1.62 15.48
C GLN A 255 12.78 -1.43 16.93
N LEU A 256 11.51 -1.09 17.15
CA LEU A 256 10.90 -1.17 18.49
C LEU A 256 9.83 -2.28 18.53
N PRO A 257 9.52 -2.83 19.72
CA PRO A 257 8.69 -4.05 19.86
C PRO A 257 7.45 -4.16 18.97
N ASP A 258 6.52 -3.20 19.07
CA ASP A 258 5.26 -3.22 18.28
C ASP A 258 5.20 -2.16 17.18
N ILE A 259 6.12 -1.20 17.22
CA ILE A 259 6.16 -0.09 16.26
C ILE A 259 6.84 -0.50 14.94
N GLY A 260 7.81 -1.40 15.03
CA GLY A 260 8.70 -1.71 13.91
C GLY A 260 9.74 -0.62 13.72
N ASP A 261 10.38 -0.62 12.55
CA ASP A 261 11.45 0.33 12.25
C ASP A 261 10.88 1.69 11.77
N ASN A 262 11.77 2.62 11.44
CA ASN A 262 11.42 4.01 11.11
C ASN A 262 10.72 4.73 12.28
N THR A 263 11.40 4.71 13.43
CA THR A 263 10.86 5.24 14.68
C THR A 263 10.87 6.77 14.71
N GLY A 264 11.88 7.36 14.09
CA GLY A 264 11.93 8.81 13.89
C GLY A 264 10.66 9.34 13.26
N LYS A 265 10.18 8.65 12.22
CA LYS A 265 8.93 9.00 11.54
C LYS A 265 7.72 8.79 12.46
N TYR A 266 7.65 7.62 13.07
CA TYR A 266 6.48 7.20 13.86
C TYR A 266 6.19 8.12 15.05
N PHE A 267 7.24 8.59 15.73
CA PHE A 267 7.09 9.50 16.88
C PHE A 267 6.84 10.96 16.47
N TYR A 268 7.42 11.41 15.36
CA TYR A 268 7.06 12.71 14.73
C TYR A 268 5.56 12.84 14.41
N GLU A 269 4.95 11.78 13.89
CA GLU A 269 3.52 11.79 13.52
C GLU A 269 2.62 11.65 14.74
N MET A 270 2.93 10.68 15.61
CA MET A 270 2.15 10.40 16.82
C MET A 270 2.19 11.53 17.87
N GLU A 271 3.23 12.36 17.86
CA GLU A 271 3.30 13.55 18.72
C GLU A 271 3.04 14.86 17.91
N LYS A 272 2.37 14.72 16.76
CA LYS A 272 1.95 15.84 15.89
C LYS A 272 2.91 17.03 15.86
N ILE A 273 4.16 16.74 15.55
CA ILE A 273 5.19 17.75 15.39
C ILE A 273 4.94 18.42 14.04
N SER A 274 5.03 19.75 14.03
CA SER A 274 4.79 20.58 12.84
C SER A 274 6.05 21.28 12.31
N SER A 275 7.14 21.21 13.08
CA SER A 275 8.36 21.97 12.83
C SER A 275 9.51 21.39 13.65
N TYR A 276 10.74 21.49 13.17
CA TYR A 276 11.89 21.02 13.96
C TYR A 276 12.26 22.01 15.08
N LYS A 277 11.57 23.17 15.11
CA LYS A 277 11.63 24.13 16.23
C LYS A 277 10.53 23.94 17.27
N ASP A 278 9.45 23.23 16.95
CA ASP A 278 8.45 22.88 17.96
C ASP A 278 9.13 22.63 19.30
N ALA A 279 8.84 23.48 20.28
CA ALA A 279 9.38 23.34 21.62
C ALA A 279 9.04 21.98 22.25
N LYS A 280 7.92 21.40 21.82
CA LYS A 280 7.51 20.04 22.21
C LYS A 280 8.53 18.94 21.87
N LEU A 281 9.29 19.16 20.80
CA LEU A 281 10.21 18.14 20.28
C LEU A 281 11.29 17.73 21.26
N GLN A 282 11.78 18.67 22.08
CA GLN A 282 12.89 18.40 23.00
C GLN A 282 12.66 17.15 23.85
N LYS A 283 11.43 16.99 24.36
CA LYS A 283 11.02 15.80 25.15
C LYS A 283 10.69 14.55 24.32
N VAL A 284 10.20 14.74 23.09
CA VAL A 284 10.00 13.61 22.18
C VAL A 284 11.35 12.91 21.98
N LYS A 285 12.38 13.69 21.67
CA LYS A 285 13.74 13.20 21.44
C LYS A 285 14.24 12.40 22.61
N GLU A 286 14.02 12.95 23.81
CA GLU A 286 14.38 12.28 25.07
C GLU A 286 13.63 10.97 25.25
N THR A 287 12.33 11.01 25.00
CA THR A 287 11.50 9.79 25.07
C THR A 287 11.97 8.75 24.05
N LEU A 288 12.31 9.19 22.85
CA LEU A 288 12.79 8.31 21.79
C LEU A 288 14.17 7.72 22.08
N TYR A 289 15.11 8.58 22.50
CA TYR A 289 16.48 8.14 22.78
C TYR A 289 16.50 6.98 23.77
N LYS A 290 15.70 7.09 24.84
CA LYS A 290 15.63 6.06 25.88
C LYS A 290 14.93 4.78 25.40
N LYS A 291 13.77 4.95 24.76
CA LYS A 291 12.99 3.81 24.27
C LYS A 291 13.83 2.96 23.30
N GLN A 292 14.56 3.63 22.39
CA GLN A 292 15.52 2.95 21.54
C GLN A 292 16.58 2.23 22.35
N TYR A 293 17.20 2.93 23.31
CA TYR A 293 18.32 2.36 24.09
C TYR A 293 17.97 1.07 24.85
N PHE A 294 16.80 1.01 25.49
CA PHE A 294 16.42 -0.19 26.30
C PHE A 294 15.60 -1.26 25.53
N GLU A 295 14.65 -0.81 24.71
CA GLU A 295 13.66 -1.67 24.07
C GLU A 295 13.93 -1.90 22.57
N GLY A 296 14.78 -1.07 21.97
CA GLY A 296 15.08 -1.18 20.54
C GLY A 296 15.94 -2.37 20.17
N THR A 297 15.84 -2.81 18.91
CA THR A 297 16.74 -3.82 18.34
C THR A 297 17.28 -3.36 16.99
N MET A 298 18.43 -3.89 16.62
CA MET A 298 19.16 -3.47 15.42
C MET A 298 18.68 -4.26 14.20
N THR A 299 18.67 -3.59 13.04
CA THR A 299 18.14 -4.13 11.80
C THR A 299 19.20 -4.48 10.72
N VAL A 300 20.47 -4.15 10.98
CA VAL A 300 21.55 -4.28 9.99
C VAL A 300 22.55 -5.35 10.40
N GLU A 301 23.17 -6.01 9.41
CA GLU A 301 24.26 -6.96 9.71
C GLU A 301 25.56 -6.17 9.94
N PRO A 302 26.48 -6.67 10.77
CA PRO A 302 26.38 -7.97 11.45
C PRO A 302 25.81 -7.86 12.87
N TYR A 303 24.82 -6.98 13.06
CA TYR A 303 24.24 -6.72 14.39
C TYR A 303 22.73 -7.00 14.46
N LYS A 304 22.21 -7.79 13.53
CA LYS A 304 20.76 -7.91 13.37
C LYS A 304 20.12 -8.52 14.62
N GLY A 305 19.06 -7.86 15.12
CA GLY A 305 18.38 -8.29 16.34
C GLY A 305 19.04 -7.92 17.66
N MET A 306 20.23 -7.31 17.63
CA MET A 306 20.96 -6.95 18.88
C MET A 306 20.35 -5.76 19.58
N LYS A 307 20.64 -5.71 20.89
CA LYS A 307 20.29 -4.56 21.70
C LYS A 307 21.26 -3.41 21.40
N ILE A 308 20.74 -2.19 21.49
CA ILE A 308 21.47 -0.97 21.12
C ILE A 308 22.76 -0.87 21.90
N TYR A 309 22.67 -1.04 23.21
CA TYR A 309 23.84 -0.96 24.10
C TYR A 309 24.97 -1.91 23.78
N ASN A 310 24.62 -3.10 23.27
CA ASN A 310 25.63 -4.05 22.85
C ASN A 310 26.22 -3.67 21.48
N CYS A 311 25.36 -3.28 20.54
CA CYS A 311 25.80 -2.94 19.19
C CYS A 311 26.66 -1.66 19.20
N ARG A 312 26.12 -0.60 19.82
CA ARG A 312 26.81 0.69 19.97
C ARG A 312 28.27 0.53 20.30
N LYS A 313 28.55 -0.33 21.27
CA LYS A 313 29.92 -0.62 21.71
C LYS A 313 30.75 -1.27 20.61
N LEU A 314 30.14 -2.19 19.87
CA LEU A 314 30.80 -2.86 18.76
C LEU A 314 31.12 -1.89 17.62
N VAL A 315 30.19 -0.99 17.34
CA VAL A 315 30.37 0.00 16.26
C VAL A 315 31.50 0.98 16.61
N LYS A 316 31.56 1.42 17.88
CA LYS A 316 32.63 2.33 18.32
C LYS A 316 34.00 1.66 18.23
N GLN A 317 34.06 0.38 18.58
CA GLN A 317 35.27 -0.46 18.42
C GLN A 317 35.66 -0.55 16.95
N TYR A 318 34.67 -0.76 16.08
CA TYR A 318 34.88 -0.79 14.64
C TYR A 318 35.39 0.58 14.15
N ILE A 319 34.71 1.65 14.54
CA ILE A 319 35.08 2.99 14.13
C ILE A 319 36.50 3.36 14.55
N ILE A 320 36.89 3.01 15.78
CA ILE A 320 38.24 3.29 16.25
C ILE A 320 39.28 2.42 15.52
N LYS A 321 38.97 1.13 15.35
CA LYS A 321 39.92 0.20 14.75
C LYS A 321 40.23 0.55 13.29
N ASN A 322 39.25 1.08 12.56
CA ASN A 322 39.41 1.44 11.15
C ASN A 322 39.77 2.91 10.89
N ASN A 323 40.01 3.68 11.96
CA ASN A 323 40.36 5.10 11.87
C ASN A 323 39.33 5.91 11.08
N GLU A 324 38.07 5.66 11.39
CA GLU A 324 36.97 6.42 10.83
C GLU A 324 36.39 7.38 11.86
N GLY A 325 37.04 7.51 13.01
CA GLY A 325 36.58 8.39 14.05
C GLY A 325 37.44 8.42 15.30
N PHE A 326 36.89 9.07 16.32
CA PHE A 326 37.56 9.28 17.58
C PHE A 326 36.55 9.20 18.70
N LEU A 327 37.02 8.78 19.87
CA LEU A 327 36.29 8.96 21.12
C LEU A 327 36.56 10.37 21.65
N TYR A 328 35.53 11.00 22.19
CA TYR A 328 35.58 12.41 22.55
C TYR A 328 34.81 12.67 23.82
N SER A 329 35.48 13.24 24.81
CA SER A 329 34.88 13.74 26.05
C SER A 329 35.12 15.23 26.17
N GLU A 330 34.20 15.93 26.82
CA GLU A 330 34.43 17.32 27.19
C GLU A 330 33.88 17.68 28.57
N LEU B 21 -0.70 -20.45 30.75
CA LEU B 21 -0.85 -20.45 29.26
C LEU B 21 -1.48 -21.75 28.75
N TYR B 22 -2.45 -21.61 27.86
CA TYR B 22 -3.25 -22.74 27.35
C TYR B 22 -3.13 -22.84 25.83
N PHE B 23 -3.27 -24.06 25.33
CA PHE B 23 -3.16 -24.38 23.90
C PHE B 23 -4.10 -25.53 23.59
N GLN B 24 -5.03 -25.31 22.66
CA GLN B 24 -6.09 -26.28 22.33
C GLN B 24 -6.95 -26.73 23.53
N GLY B 25 -6.93 -25.94 24.60
CA GLY B 25 -7.58 -26.29 25.86
C GLY B 25 -6.79 -27.05 26.92
N ALA B 26 -5.51 -27.33 26.68
CA ALA B 26 -4.65 -27.94 27.71
C ALA B 26 -3.62 -26.93 28.22
N MET B 27 -3.04 -27.18 29.40
CA MET B 27 -1.90 -26.39 29.90
C MET B 27 -0.70 -26.68 29.02
N GLY B 28 -0.09 -25.65 28.45
CA GLY B 28 0.97 -25.81 27.48
C GLY B 28 2.36 -26.03 28.05
N LYS B 29 2.55 -25.73 29.33
CA LYS B 29 3.91 -25.46 29.82
C LYS B 29 4.88 -26.65 29.76
N CYS B 30 4.40 -27.85 30.08
CA CYS B 30 5.26 -29.05 30.09
C CYS B 30 4.86 -30.15 29.07
N GLN B 31 4.00 -29.81 28.11
CA GLN B 31 3.46 -30.78 27.16
C GLN B 31 4.48 -31.20 26.13
N GLU B 32 4.35 -32.44 25.66
CA GLU B 32 5.04 -32.91 24.49
C GLU B 32 4.14 -32.52 23.31
N PHE B 33 4.57 -31.58 22.50
CA PHE B 33 3.84 -31.23 21.29
C PHE B 33 4.23 -32.20 20.17
N THR B 34 3.25 -32.49 19.33
CA THR B 34 3.49 -33.16 18.06
C THR B 34 3.53 -32.10 16.95
N LEU B 35 4.66 -32.04 16.24
CA LEU B 35 4.80 -31.18 15.07
C LEU B 35 4.47 -31.98 13.85
N ILE B 36 3.47 -31.54 13.08
CA ILE B 36 3.13 -32.19 11.81
C ILE B 36 3.66 -31.36 10.65
N LYS B 37 4.22 -32.04 9.67
CA LYS B 37 4.73 -31.43 8.46
C LYS B 37 3.58 -31.07 7.56
N ILE B 38 3.45 -29.78 7.30
CA ILE B 38 2.47 -29.27 6.36
C ILE B 38 3.24 -28.82 5.13
N TYR B 39 3.00 -29.49 4.01
CA TYR B 39 3.76 -29.27 2.76
C TYR B 39 3.12 -28.16 1.94
N VAL B 40 3.95 -27.33 1.30
CA VAL B 40 3.43 -26.35 0.36
C VAL B 40 3.22 -27.07 -0.96
N HIS B 41 2.06 -26.88 -1.58
CA HIS B 41 1.76 -27.57 -2.84
C HIS B 41 2.67 -27.12 -3.95
N ASP B 42 2.80 -25.80 -4.11
CA ASP B 42 3.53 -25.18 -5.23
C ASP B 42 4.65 -24.21 -4.76
N TYR B 43 5.88 -24.65 -4.95
CA TYR B 43 7.06 -23.90 -4.52
C TYR B 43 7.24 -22.55 -5.23
N LYS B 44 6.74 -22.41 -6.46
CA LYS B 44 6.78 -21.14 -7.19
C LYS B 44 5.86 -20.13 -6.54
N GLU B 45 4.73 -20.62 -6.03
CA GLU B 45 3.84 -19.80 -5.22
C GLU B 45 4.60 -19.27 -3.98
N PHE B 46 5.39 -20.13 -3.33
CA PHE B 46 6.26 -19.69 -2.22
C PHE B 46 7.37 -18.72 -2.68
N TYR B 47 8.01 -19.05 -3.81
CA TYR B 47 9.09 -18.21 -4.32
C TYR B 47 8.65 -16.75 -4.56
N GLU B 48 7.44 -16.57 -5.08
CA GLU B 48 6.86 -15.24 -5.23
C GLU B 48 6.85 -14.49 -3.91
N ILE B 49 6.36 -15.16 -2.88
CA ILE B 49 6.35 -14.60 -1.54
C ILE B 49 7.78 -14.26 -1.12
N TYR B 50 8.71 -15.19 -1.35
CA TYR B 50 10.11 -14.93 -1.04
C TYR B 50 10.67 -13.68 -1.78
N LEU B 51 10.38 -13.56 -3.07
CA LEU B 51 10.89 -12.39 -3.85
C LEU B 51 10.29 -11.08 -3.38
N ARG B 52 9.00 -11.09 -3.08
CA ARG B 52 8.32 -9.89 -2.64
C ARG B 52 8.87 -9.38 -1.31
N ASN B 53 9.35 -10.27 -0.44
CA ASN B 53 9.73 -9.87 0.92
C ASN B 53 11.22 -9.60 1.17
N LYS B 54 12.06 -9.64 0.13
CA LYS B 54 13.47 -9.25 0.27
C LYS B 54 13.67 -7.75 0.59
N GLU B 65 20.66 -15.27 -2.21
CA GLU B 65 21.33 -14.74 -3.40
C GLU B 65 21.50 -15.87 -4.42
N ASN B 66 22.20 -16.93 -4.01
CA ASN B 66 22.07 -18.26 -4.64
C ASN B 66 20.77 -19.00 -4.20
N VAL B 67 20.02 -18.38 -3.28
CA VAL B 67 18.71 -18.89 -2.89
C VAL B 67 17.72 -18.44 -3.98
N ASN B 68 17.64 -19.28 -5.01
CA ASN B 68 16.87 -19.11 -6.22
C ASN B 68 15.58 -19.88 -6.21
N GLU B 69 14.84 -19.71 -7.31
CA GLU B 69 13.79 -20.61 -7.67
C GLU B 69 14.34 -22.01 -7.68
N ASN B 70 15.43 -22.19 -8.42
CA ASN B 70 16.06 -23.50 -8.57
C ASN B 70 16.43 -24.14 -7.23
N PHE B 71 16.98 -23.35 -6.31
CA PHE B 71 17.16 -23.74 -4.91
C PHE B 71 15.86 -24.20 -4.27
N PHE B 72 14.82 -23.38 -4.35
CA PHE B 72 13.50 -23.77 -3.77
C PHE B 72 12.83 -24.94 -4.52
N SER B 73 13.20 -25.19 -5.78
CA SER B 73 12.66 -26.35 -6.54
C SER B 73 13.19 -27.70 -6.04
N GLN B 74 14.34 -27.70 -5.37
CA GLN B 74 14.98 -28.94 -4.92
C GLN B 74 14.66 -29.28 -3.45
N LYS B 75 13.99 -28.38 -2.73
CA LYS B 75 13.67 -28.59 -1.33
C LYS B 75 12.16 -28.76 -1.17
N LYS B 76 11.76 -29.41 -0.09
CA LYS B 76 10.35 -29.46 0.30
C LYS B 76 10.13 -28.27 1.23
N ILE B 77 9.12 -27.46 0.91
CA ILE B 77 8.76 -26.30 1.71
C ILE B 77 7.73 -26.77 2.73
N ILE B 78 8.10 -26.70 4.02
CA ILE B 78 7.27 -27.25 5.08
C ILE B 78 7.00 -26.27 6.24
N LEU B 79 5.74 -26.05 6.57
CA LEU B 79 5.37 -25.37 7.83
C LEU B 79 5.20 -26.41 8.91
N LEU B 80 5.89 -26.23 10.03
CA LEU B 80 5.81 -27.18 11.13
C LEU B 80 4.64 -26.76 12.01
N ALA B 81 3.55 -27.49 11.91
CA ALA B 81 2.37 -27.24 12.71
C ALA B 81 2.45 -27.97 14.06
N SER B 82 2.20 -27.27 15.15
CA SER B 82 2.19 -27.89 16.48
C SER B 82 0.78 -28.23 16.84
N THR B 83 0.59 -29.43 17.39
CA THR B 83 -0.69 -29.84 17.92
C THR B 83 -0.46 -30.78 19.12
N LEU B 84 -1.46 -30.83 20.00
CA LEU B 84 -1.57 -31.80 21.08
C LEU B 84 -2.75 -32.74 20.85
N LYS B 85 -3.33 -32.71 19.65
CA LYS B 85 -4.45 -33.58 19.29
C LYS B 85 -4.18 -34.17 17.91
N PRO B 86 -2.99 -34.78 17.72
CA PRO B 86 -2.67 -35.37 16.43
C PRO B 86 -3.62 -36.51 15.98
N GLU B 87 -4.35 -37.13 16.91
CA GLU B 87 -5.42 -38.08 16.57
C GLU B 87 -6.46 -37.48 15.63
N THR B 88 -6.67 -36.17 15.74
CA THR B 88 -7.62 -35.46 14.89
C THR B 88 -7.04 -34.98 13.55
N ALA B 89 -5.79 -35.33 13.23
CA ALA B 89 -5.12 -34.81 12.02
C ALA B 89 -5.76 -35.18 10.68
N TYR B 90 -6.51 -36.29 10.64
CA TYR B 90 -7.21 -36.70 9.43
C TYR B 90 -8.26 -35.65 9.03
N GLY B 91 -8.84 -34.98 10.03
CA GLY B 91 -9.87 -33.99 9.80
C GLY B 91 -9.35 -32.59 9.54
N GLN B 92 -8.04 -32.42 9.34
CA GLN B 92 -7.48 -31.10 9.08
C GLN B 92 -7.98 -30.53 7.74
N ASN B 93 -8.71 -29.44 7.80
CA ASN B 93 -9.15 -28.76 6.58
C ASN B 93 -8.41 -27.44 6.26
N TYR B 94 -7.66 -26.89 7.22
CA TYR B 94 -6.82 -25.71 7.02
C TYR B 94 -5.58 -25.72 7.93
N THR B 95 -4.75 -24.68 7.80
CA THR B 95 -3.63 -24.43 8.68
C THR B 95 -3.71 -22.97 9.10
N PHE B 96 -3.57 -22.69 10.39
CA PHE B 96 -3.69 -21.34 10.89
C PHE B 96 -2.32 -20.85 11.26
N VAL B 97 -2.11 -19.57 10.98
CA VAL B 97 -0.97 -18.79 11.44
C VAL B 97 -1.50 -17.50 12.03
N ASN B 98 -0.63 -16.73 12.67
CA ASN B 98 -0.98 -15.39 13.17
C ASN B 98 -0.56 -14.35 12.13
N PRO B 99 -1.53 -13.61 11.57
CA PRO B 99 -1.21 -12.72 10.47
C PRO B 99 -0.36 -11.51 10.83
N GLY B 100 -0.52 -10.99 12.04
CA GLY B 100 0.27 -9.83 12.50
C GLY B 100 1.64 -10.10 13.12
N GLU B 101 2.09 -11.35 13.12
CA GLU B 101 3.31 -11.75 13.81
C GLU B 101 4.28 -12.41 12.85
N TYR B 102 5.57 -12.35 13.19
CA TYR B 102 6.62 -12.81 12.30
C TYR B 102 6.92 -14.31 12.43
N TYR B 103 7.23 -14.93 11.31
CA TYR B 103 7.66 -16.32 11.23
C TYR B 103 9.00 -16.36 10.56
N TYR B 104 9.81 -17.33 10.95
CA TYR B 104 11.14 -17.49 10.39
C TYR B 104 11.16 -18.68 9.47
N VAL B 105 11.89 -18.51 8.35
CA VAL B 105 12.16 -19.55 7.37
C VAL B 105 13.63 -20.00 7.46
N THR B 106 13.82 -21.29 7.69
CA THR B 106 15.16 -21.83 7.87
C THR B 106 15.22 -23.19 7.21
N LEU B 107 16.40 -23.82 7.26
CA LEU B 107 16.61 -25.15 6.71
C LEU B 107 16.73 -26.21 7.78
N GLY B 108 16.34 -27.43 7.44
CA GLY B 108 16.36 -28.55 8.40
C GLY B 108 16.21 -29.92 7.76
N PHE B 109 16.24 -30.94 8.62
CA PHE B 109 16.39 -32.36 8.24
C PHE B 109 15.06 -33.03 8.16
N ASN B 110 14.90 -33.97 7.24
CA ASN B 110 13.67 -34.75 7.13
C ASN B 110 13.47 -35.68 8.31
N LYS B 111 14.55 -36.33 8.72
CA LYS B 111 14.56 -37.25 9.87
C LYS B 111 15.24 -36.56 11.04
N GLN B 112 14.73 -36.82 12.25
CA GLN B 112 15.25 -36.22 13.47
C GLN B 112 16.53 -36.94 13.90
N ARG B 113 17.60 -36.17 14.09
CA ARG B 113 18.90 -36.71 14.55
C ARG B 113 19.32 -36.11 15.89
N ASN B 124 24.07 -31.01 16.43
CA ASN B 124 24.64 -30.74 15.10
C ASN B 124 25.21 -29.32 15.01
N VAL B 125 26.39 -29.18 14.40
CA VAL B 125 26.97 -27.89 14.03
C VAL B 125 27.53 -28.01 12.60
N MET B 126 27.37 -26.94 11.81
CA MET B 126 27.66 -26.98 10.35
C MET B 126 28.08 -25.63 9.77
N THR B 127 28.63 -25.68 8.56
CA THR B 127 28.96 -24.50 7.77
C THR B 127 27.79 -24.15 6.87
N ARG B 128 27.84 -22.95 6.28
CA ARG B 128 26.74 -22.48 5.45
C ARG B 128 26.53 -23.40 4.24
N ASP B 129 27.62 -23.73 3.53
CA ASP B 129 27.59 -24.66 2.39
C ASP B 129 26.87 -25.96 2.75
N GLU B 130 27.32 -26.59 3.84
CA GLU B 130 26.79 -27.87 4.31
C GLU B 130 25.26 -27.85 4.45
N ILE B 131 24.75 -26.84 5.16
CA ILE B 131 23.33 -26.72 5.45
C ILE B 131 22.55 -26.54 4.14
N ILE B 132 23.05 -25.64 3.30
CA ILE B 132 22.46 -25.36 1.97
C ILE B 132 22.35 -26.62 1.10
N ASP B 133 23.40 -27.46 1.09
CA ASP B 133 23.45 -28.67 0.24
C ASP B 133 22.70 -29.85 0.82
N SER B 134 23.01 -30.16 2.09
CA SER B 134 22.58 -31.41 2.71
C SER B 134 21.15 -31.41 3.30
N CYS B 135 20.68 -30.28 3.85
CA CYS B 135 19.33 -30.23 4.42
C CYS B 135 18.29 -30.34 3.32
N GLU B 136 17.36 -31.26 3.48
CA GLU B 136 16.36 -31.53 2.48
C GLU B 136 15.21 -30.51 2.45
N ASN B 137 14.98 -29.81 3.57
CA ASN B 137 13.70 -29.16 3.82
C ASN B 137 13.85 -27.71 4.22
N VAL B 138 12.98 -26.87 3.68
CA VAL B 138 12.78 -25.51 4.17
C VAL B 138 11.67 -25.57 5.19
N TYR B 139 11.99 -25.28 6.43
CA TYR B 139 10.99 -25.28 7.48
C TYR B 139 10.56 -23.87 7.81
N ILE B 140 9.29 -23.73 8.13
CA ILE B 140 8.73 -22.46 8.57
C ILE B 140 8.21 -22.64 9.97
N CYS B 141 8.63 -21.75 10.86
CA CYS B 141 8.18 -21.79 12.26
C CYS B 141 8.37 -20.46 13.01
N SER B 142 7.76 -20.35 14.18
CA SER B 142 7.88 -19.15 15.06
C SER B 142 9.29 -19.03 15.62
N GLU B 143 9.72 -17.79 15.85
CA GLU B 143 10.95 -17.48 16.60
C GLU B 143 11.09 -18.32 17.86
N ASN B 144 10.02 -18.39 18.62
CA ASN B 144 10.00 -19.12 19.88
C ASN B 144 10.56 -20.53 19.76
N SER B 145 10.21 -21.22 18.67
CA SER B 145 10.54 -22.62 18.49
C SER B 145 11.93 -22.89 17.95
N LEU B 146 12.65 -21.88 17.45
CA LEU B 146 13.90 -22.11 16.68
C LEU B 146 15.01 -22.85 17.45
N TYR B 147 15.40 -22.30 18.60
CA TYR B 147 16.47 -22.91 19.39
C TYR B 147 16.06 -24.28 19.93
N ASN B 148 14.81 -24.43 20.36
CA ASN B 148 14.34 -25.75 20.76
C ASN B 148 14.49 -26.75 19.63
N LEU B 149 14.14 -26.33 18.41
CA LEU B 149 14.24 -27.21 17.25
C LEU B 149 15.69 -27.57 16.97
N ALA B 150 16.59 -26.59 17.13
CA ALA B 150 18.01 -26.83 16.95
C ALA B 150 18.57 -27.82 17.98
N TYR B 151 18.12 -27.72 19.23
CA TYR B 151 18.57 -28.63 20.29
C TYR B 151 17.81 -29.97 20.33
N GLN B 152 16.78 -30.15 19.50
CA GLN B 152 16.12 -31.45 19.34
C GLN B 152 16.54 -32.07 18.03
N GLY B 153 17.56 -31.51 17.36
CA GLY B 153 18.05 -32.03 16.08
C GLY B 153 17.06 -32.01 14.92
N VAL B 154 16.29 -30.93 14.82
CA VAL B 154 15.43 -30.72 13.65
C VAL B 154 16.06 -29.74 12.68
N ILE B 155 16.86 -28.78 13.17
CA ILE B 155 17.55 -27.81 12.31
C ILE B 155 19.01 -27.61 12.74
N PRO B 156 19.93 -27.39 11.78
CA PRO B 156 21.32 -27.22 12.16
C PRO B 156 21.63 -25.82 12.67
N MET B 157 22.83 -25.68 13.22
CA MET B 157 23.33 -24.42 13.73
C MET B 157 24.62 -24.03 12.99
N LEU B 158 24.81 -22.73 12.78
CA LEU B 158 26.10 -22.19 12.35
C LEU B 158 27.03 -22.00 13.58
N SER B 159 28.26 -21.55 13.32
CA SER B 159 29.20 -21.16 14.37
C SER B 159 28.73 -19.86 15.05
N LYS B 160 28.66 -19.89 16.38
CA LYS B 160 28.35 -18.70 17.24
C LYS B 160 28.92 -17.35 16.75
N GLY B 161 28.04 -16.42 16.34
CA GLY B 161 28.45 -15.09 15.86
C GLY B 161 28.08 -13.96 16.81
N SER B 162 28.15 -12.72 16.29
CA SER B 162 27.84 -11.52 17.09
C SER B 162 26.37 -11.46 17.47
N SER B 163 25.52 -11.45 16.45
CA SER B 163 24.10 -11.19 16.65
C SER B 163 23.33 -12.45 17.06
N PRO B 164 22.18 -12.30 17.75
CA PRO B 164 21.33 -13.49 18.03
C PRO B 164 20.68 -14.02 16.75
N PHE B 165 20.56 -15.34 16.67
CA PHE B 165 20.14 -16.07 15.43
C PHE B 165 21.23 -16.11 14.34
N SER B 166 22.43 -15.56 14.58
CA SER B 166 23.57 -15.72 13.66
C SER B 166 24.16 -17.13 13.71
N ASP B 167 23.83 -17.88 14.77
CA ASP B 167 24.07 -19.33 14.83
C ASP B 167 22.90 -20.16 14.26
N LEU B 168 22.06 -19.57 13.41
CA LEU B 168 21.04 -20.29 12.64
C LEU B 168 21.06 -19.74 11.23
N LEU B 169 20.66 -20.56 10.26
CA LEU B 169 20.58 -20.11 8.87
C LEU B 169 19.17 -19.63 8.54
N ILE B 170 18.96 -18.32 8.59
CA ILE B 170 17.66 -17.73 8.37
C ILE B 170 17.59 -17.23 6.93
N LEU B 171 16.76 -17.88 6.12
CA LEU B 171 16.55 -17.49 4.76
C LEU B 171 15.74 -16.22 4.72
N MET B 172 14.70 -16.15 5.55
CA MET B 172 13.92 -14.93 5.71
C MET B 172 13.04 -14.95 6.93
N LYS B 173 12.57 -13.75 7.25
CA LYS B 173 11.68 -13.46 8.36
C LYS B 173 10.44 -12.92 7.67
N ILE B 174 9.27 -13.41 8.00
CA ILE B 174 8.09 -13.02 7.24
C ILE B 174 6.84 -12.99 8.13
N LYS B 175 5.96 -12.02 7.88
CA LYS B 175 4.70 -11.91 8.62
C LYS B 175 3.73 -12.99 8.14
N GLY B 176 2.99 -13.58 9.08
CA GLY B 176 1.97 -14.56 8.74
C GLY B 176 1.02 -14.14 7.64
N GLU B 177 0.72 -12.83 7.56
CA GLU B 177 0.02 -12.17 6.43
C GLU B 177 0.37 -12.79 5.09
N GLU B 178 1.67 -12.84 4.82
CA GLU B 178 2.22 -13.27 3.52
C GLU B 178 1.95 -14.73 3.18
N LEU B 179 1.77 -15.56 4.21
CA LEU B 179 1.54 -16.99 4.07
C LEU B 179 0.10 -17.34 3.80
N VAL B 180 -0.83 -16.49 4.20
CA VAL B 180 -2.25 -16.77 4.06
C VAL B 180 -2.57 -16.96 2.59
N GLY B 181 -3.31 -18.01 2.30
CA GLY B 181 -3.68 -18.35 0.94
C GLY B 181 -2.83 -19.44 0.32
N LEU B 182 -1.64 -19.74 0.85
CA LEU B 182 -0.82 -20.80 0.25
C LEU B 182 -1.52 -22.15 0.29
N ARG B 183 -1.51 -22.85 -0.84
CA ARG B 183 -2.13 -24.16 -0.93
C ARG B 183 -1.21 -25.20 -0.24
N THR B 184 -1.78 -25.94 0.70
CA THR B 184 -1.04 -26.83 1.58
C THR B 184 -1.71 -28.19 1.76
N TYR B 185 -0.96 -29.14 2.29
CA TYR B 185 -1.47 -30.46 2.67
C TYR B 185 -0.52 -31.11 3.66
N SER B 186 -1.06 -32.03 4.46
CA SER B 186 -0.24 -32.96 5.24
C SER B 186 -0.47 -34.29 4.60
N ASN B 187 0.46 -35.22 4.84
CA ASN B 187 0.25 -36.59 4.41
C ASN B 187 -0.78 -37.35 5.23
N LEU B 188 -1.17 -36.80 6.37
CA LEU B 188 -2.22 -37.39 7.20
C LEU B 188 -3.62 -36.91 6.88
N SER B 189 -3.78 -35.69 6.36
CA SER B 189 -5.14 -35.12 6.20
C SER B 189 -5.94 -35.90 5.17
N GLU B 190 -7.25 -35.93 5.34
CA GLU B 190 -8.14 -36.65 4.42
C GLU B 190 -8.07 -36.04 3.03
N LYS B 191 -8.32 -34.72 2.97
CA LYS B 191 -8.26 -33.92 1.74
C LYS B 191 -6.91 -33.23 1.65
N LYS B 192 -6.58 -32.75 0.45
CA LYS B 192 -5.27 -32.18 0.18
C LYS B 192 -5.26 -30.75 -0.35
N ASP B 193 -6.42 -30.13 -0.55
CA ASP B 193 -6.46 -28.73 -1.00
C ASP B 193 -6.73 -27.83 0.22
N LEU B 194 -5.77 -27.82 1.14
CA LEU B 194 -5.83 -27.03 2.35
C LEU B 194 -5.23 -25.66 2.09
N TYR B 195 -5.60 -24.68 2.91
CA TYR B 195 -5.15 -23.31 2.75
C TYR B 195 -4.71 -22.80 4.09
N ILE B 196 -3.78 -21.85 4.06
CA ILE B 196 -3.36 -21.19 5.29
C ILE B 196 -4.34 -20.04 5.50
N LEU B 197 -4.97 -20.02 6.68
CA LEU B 197 -5.85 -18.91 7.09
C LEU B 197 -5.29 -18.18 8.33
N PRO B 198 -5.73 -16.94 8.56
CA PRO B 198 -5.29 -16.21 9.73
C PRO B 198 -6.13 -16.48 10.98
N MET B 199 -5.47 -16.52 12.13
CA MET B 199 -6.11 -16.59 13.43
C MET B 199 -5.23 -15.72 14.34
N THR B 200 -5.77 -14.58 14.77
CA THR B 200 -5.03 -13.56 15.54
C THR B 200 -4.80 -13.94 16.99
N THR B 201 -5.56 -14.91 17.49
CA THR B 201 -5.38 -15.39 18.87
C THR B 201 -4.30 -16.45 19.06
N ILE B 202 -3.56 -16.81 18.02
CA ILE B 202 -2.47 -17.80 18.13
C ILE B 202 -1.35 -17.16 18.91
N LYS B 203 -0.85 -17.89 19.90
CA LYS B 203 0.14 -17.37 20.82
C LYS B 203 1.55 -17.72 20.39
N MET B 204 2.38 -16.68 20.23
CA MET B 204 3.65 -16.82 19.55
C MET B 204 4.71 -17.51 20.39
N ASN B 205 4.44 -17.63 21.70
CA ASN B 205 5.34 -18.30 22.65
C ASN B 205 4.87 -19.69 23.06
N ILE B 206 3.97 -20.30 22.26
CA ILE B 206 3.62 -21.71 22.38
C ILE B 206 3.98 -22.45 21.09
N ALA B 207 5.01 -23.27 21.18
CA ALA B 207 5.47 -24.16 20.12
C ALA B 207 5.75 -23.40 18.79
N THR B 208 5.32 -23.92 17.64
CA THR B 208 5.69 -23.27 16.39
C THR B 208 4.78 -22.12 15.99
N ALA B 209 3.66 -21.93 16.72
CA ALA B 209 2.62 -20.94 16.40
C ALA B 209 2.00 -21.10 15.01
N ILE B 210 1.96 -22.35 14.55
CA ILE B 210 1.28 -22.75 13.34
C ILE B 210 0.47 -23.96 13.79
N VAL B 211 -0.83 -23.97 13.57
CA VAL B 211 -1.68 -25.00 14.18
C VAL B 211 -2.62 -25.58 13.14
N PRO B 212 -2.91 -26.91 13.21
CA PRO B 212 -3.88 -27.49 12.29
C PRO B 212 -5.27 -27.02 12.60
N CYS B 213 -6.03 -26.68 11.56
CA CYS B 213 -7.43 -26.34 11.69
C CYS B 213 -8.17 -27.64 11.50
N VAL B 214 -8.80 -28.10 12.57
CA VAL B 214 -9.65 -29.26 12.52
C VAL B 214 -11.01 -28.80 13.01
N SER B 215 -11.77 -28.15 12.13
CA SER B 215 -12.98 -27.42 12.54
C SER B 215 -14.11 -28.30 13.06
N SER B 216 -14.11 -29.59 12.72
CA SER B 216 -15.13 -30.52 13.25
C SER B 216 -14.96 -30.81 14.75
N ASP B 217 -13.71 -30.92 15.19
CA ASP B 217 -13.37 -31.42 16.53
C ASP B 217 -12.83 -30.35 17.46
N SER B 218 -12.78 -29.10 17.02
CA SER B 218 -12.31 -27.99 17.86
C SER B 218 -13.30 -26.87 17.76
N ALA B 219 -13.71 -26.35 18.91
CA ALA B 219 -14.63 -25.22 18.97
C ALA B 219 -13.95 -23.93 18.54
N ASP B 220 -12.65 -23.82 18.84
CA ASP B 220 -11.84 -22.65 18.45
C ASP B 220 -11.72 -22.56 16.93
N ASP B 221 -11.37 -23.68 16.32
CA ASP B 221 -11.21 -23.81 14.87
C ASP B 221 -12.53 -23.55 14.11
N TYR B 222 -13.63 -24.15 14.58
CA TYR B 222 -14.94 -23.91 13.99
C TYR B 222 -15.29 -22.43 14.04
N ALA B 223 -15.23 -21.85 15.24
CA ALA B 223 -15.55 -20.44 15.47
C ALA B 223 -14.81 -19.51 14.51
N CYS B 224 -13.54 -19.82 14.26
CA CYS B 224 -12.68 -19.02 13.40
C CYS B 224 -13.16 -19.05 11.96
N LEU B 225 -13.42 -20.25 11.46
CA LEU B 225 -13.99 -20.42 10.11
C LEU B 225 -15.33 -19.72 9.92
N GLN B 226 -16.20 -19.79 10.93
CA GLN B 226 -17.47 -19.08 10.90
C GLN B 226 -17.20 -17.58 10.77
N ASP B 227 -16.27 -17.05 11.55
CA ASP B 227 -15.96 -15.63 11.41
C ASP B 227 -15.49 -15.32 9.99
N ILE B 228 -14.52 -16.09 9.48
CA ILE B 228 -13.91 -15.82 8.17
C ILE B 228 -14.92 -15.94 7.05
N ARG B 229 -15.78 -16.98 7.10
CA ARG B 229 -16.86 -17.15 6.11
C ARG B 229 -17.88 -15.99 6.13
N ARG B 230 -18.17 -15.49 7.33
CA ARG B 230 -19.10 -14.38 7.50
CA ARG B 230 -19.10 -14.38 7.50
C ARG B 230 -18.51 -13.10 6.92
N LYS B 231 -17.26 -12.80 7.28
CA LYS B 231 -16.60 -11.57 6.82
C LYS B 231 -15.77 -11.85 5.56
N GLN B 232 -16.20 -12.80 4.75
CA GLN B 232 -15.35 -13.29 3.65
C GLN B 232 -14.85 -12.18 2.73
N ALA B 233 -15.69 -11.18 2.47
CA ALA B 233 -15.33 -10.11 1.53
C ALA B 233 -14.11 -9.36 2.02
N TYR B 234 -14.09 -9.03 3.31
CA TYR B 234 -12.93 -8.41 3.94
C TYR B 234 -11.71 -9.31 3.82
N TYR B 235 -11.89 -10.58 4.16
CA TYR B 235 -10.80 -11.53 4.18
C TYR B 235 -10.27 -11.81 2.78
N CYS B 236 -11.14 -11.83 1.78
CA CYS B 236 -10.70 -12.04 0.37
C CYS B 236 -10.00 -10.82 -0.25
N GLU B 237 -10.28 -9.64 0.28
CA GLU B 237 -9.59 -8.42 -0.16
C GLU B 237 -8.23 -8.28 0.52
N LYS B 238 -8.20 -8.41 1.85
CA LYS B 238 -6.96 -8.20 2.62
C LYS B 238 -5.88 -9.23 2.21
N TYR B 239 -6.24 -10.50 2.27
CA TYR B 239 -5.33 -11.59 1.99
C TYR B 239 -5.60 -12.19 0.62
N ASN B 240 -4.72 -13.08 0.20
CA ASN B 240 -4.86 -13.80 -1.04
C ASN B 240 -5.86 -14.96 -0.89
N LEU B 241 -7.15 -14.63 -0.86
CA LEU B 241 -8.20 -15.62 -0.69
C LEU B 241 -9.37 -15.35 -1.64
N LYS B 242 -10.03 -16.42 -2.04
CA LYS B 242 -11.20 -16.40 -2.90
C LYS B 242 -12.18 -17.35 -2.27
N ASP B 243 -13.42 -16.92 -2.15
CA ASP B 243 -14.48 -17.66 -1.44
C ASP B 243 -14.51 -19.17 -1.69
N GLU B 244 -14.20 -19.60 -2.90
CA GLU B 244 -14.09 -21.04 -3.20
C GLU B 244 -13.04 -21.81 -2.35
N PHE B 245 -12.05 -21.13 -1.77
CA PHE B 245 -11.11 -21.78 -0.83
C PHE B 245 -11.73 -22.04 0.54
N LEU B 246 -12.85 -21.40 0.86
CA LEU B 246 -13.30 -21.27 2.24
C LEU B 246 -14.38 -22.25 2.70
N HIS B 247 -14.60 -23.36 1.98
CA HIS B 247 -15.64 -24.34 2.35
C HIS B 247 -15.15 -25.79 2.47
N ASN B 248 -13.88 -25.98 2.82
CA ASN B 248 -13.34 -27.33 2.95
C ASN B 248 -14.00 -28.02 4.13
N GLU B 249 -14.58 -29.20 3.89
CA GLU B 249 -15.22 -29.94 4.96
C GLU B 249 -14.17 -30.69 5.78
N SER B 250 -14.38 -30.78 7.09
CA SER B 250 -13.47 -31.44 8.02
C SER B 250 -14.08 -32.76 8.47
N PHE B 251 -13.40 -33.88 8.23
CA PHE B 251 -13.87 -35.16 8.72
C PHE B 251 -13.76 -35.25 10.26
N SER B 252 -14.88 -35.48 10.94
CA SER B 252 -14.91 -35.50 12.41
C SER B 252 -14.33 -36.79 13.01
N CYS B 253 -13.17 -36.68 13.66
CA CYS B 253 -12.45 -37.84 14.21
C CYS B 253 -12.77 -38.24 15.65
N ILE B 254 -13.63 -37.48 16.34
CA ILE B 254 -13.96 -37.77 17.74
C ILE B 254 -15.48 -37.65 17.97
N GLN B 255 -16.01 -38.60 18.74
CA GLN B 255 -17.42 -38.68 19.08
C GLN B 255 -17.55 -38.72 20.60
N LEU B 256 -18.53 -37.99 21.13
CA LEU B 256 -18.87 -38.03 22.57
C LEU B 256 -20.21 -38.76 22.81
N PRO B 257 -20.31 -39.53 23.94
CA PRO B 257 -21.35 -40.55 24.10
C PRO B 257 -22.78 -40.13 23.74
N ASP B 258 -23.27 -39.06 24.37
CA ASP B 258 -24.65 -38.59 24.15
C ASP B 258 -24.76 -37.61 22.98
N ILE B 259 -23.63 -37.05 22.57
CA ILE B 259 -23.59 -35.84 21.75
C ILE B 259 -23.37 -36.17 20.28
N GLY B 260 -22.52 -37.16 20.01
CA GLY B 260 -22.17 -37.58 18.65
C GLY B 260 -20.85 -36.97 18.24
N ASP B 261 -20.70 -36.76 16.93
CA ASP B 261 -19.47 -36.18 16.39
C ASP B 261 -19.70 -34.70 16.11
N ASN B 262 -18.73 -34.06 15.46
CA ASN B 262 -18.76 -32.61 15.21
C ASN B 262 -19.00 -31.84 16.50
N THR B 263 -18.20 -32.18 17.50
CA THR B 263 -18.37 -31.66 18.84
C THR B 263 -17.86 -30.22 18.96
N GLY B 264 -17.00 -29.81 18.01
CA GLY B 264 -16.55 -28.43 17.90
C GLY B 264 -17.69 -27.52 17.53
N LYS B 265 -18.51 -27.95 16.58
CA LYS B 265 -19.76 -27.26 16.28
C LYS B 265 -20.75 -27.30 17.48
N TYR B 266 -20.91 -28.48 18.09
CA TYR B 266 -21.90 -28.67 19.18
C TYR B 266 -21.65 -27.77 20.39
N PHE B 267 -20.40 -27.68 20.82
CA PHE B 267 -20.03 -26.79 21.94
C PHE B 267 -20.08 -25.31 21.57
N TYR B 268 -19.68 -24.96 20.35
CA TYR B 268 -19.80 -23.58 19.86
C TYR B 268 -21.22 -23.03 19.96
N GLU B 269 -22.20 -23.87 19.61
CA GLU B 269 -23.61 -23.49 19.68
C GLU B 269 -24.17 -23.64 21.12
N MET B 270 -23.74 -24.68 21.86
CA MET B 270 -24.21 -24.91 23.24
C MET B 270 -23.85 -23.73 24.14
N GLU B 271 -22.57 -23.37 24.15
CA GLU B 271 -22.08 -22.26 24.98
C GLU B 271 -22.28 -20.89 24.32
N LYS B 272 -22.85 -20.91 23.12
CA LYS B 272 -23.44 -19.74 22.46
C LYS B 272 -22.40 -18.70 22.04
N ILE B 273 -21.28 -19.19 21.48
CA ILE B 273 -20.14 -18.35 21.11
C ILE B 273 -20.46 -17.60 19.82
N SER B 274 -20.03 -16.34 19.76
CA SER B 274 -20.33 -15.40 18.67
C SER B 274 -19.13 -15.15 17.73
N SER B 275 -17.93 -15.09 18.30
CA SER B 275 -16.68 -14.88 17.55
C SER B 275 -15.57 -15.76 18.12
N TYR B 276 -14.49 -15.93 17.36
CA TYR B 276 -13.30 -16.65 17.86
C TYR B 276 -12.44 -15.82 18.82
N LYS B 277 -12.68 -14.51 18.91
CA LYS B 277 -12.06 -13.66 19.95
C LYS B 277 -12.95 -13.52 21.20
N ASP B 278 -14.01 -14.33 21.28
CA ASP B 278 -14.94 -14.30 22.40
C ASP B 278 -14.25 -14.80 23.68
N ALA B 279 -14.38 -14.04 24.77
CA ALA B 279 -13.76 -14.39 26.06
C ALA B 279 -14.25 -15.72 26.64
N LYS B 280 -15.52 -16.08 26.39
CA LYS B 280 -16.08 -17.40 26.78
C LYS B 280 -15.30 -18.61 26.26
N LEU B 281 -14.83 -18.50 25.02
CA LEU B 281 -14.25 -19.63 24.30
C LEU B 281 -13.11 -20.34 25.04
N GLN B 282 -12.29 -19.58 25.76
CA GLN B 282 -11.15 -20.16 26.48
C GLN B 282 -11.52 -21.28 27.47
N LYS B 283 -12.71 -21.18 28.08
CA LYS B 283 -13.23 -22.23 29.00
C LYS B 283 -13.85 -23.40 28.21
N VAL B 284 -14.58 -23.07 27.15
CA VAL B 284 -15.16 -24.08 26.24
C VAL B 284 -14.10 -25.04 25.68
N LYS B 285 -13.01 -24.47 25.16
CA LYS B 285 -11.90 -25.25 24.60
C LYS B 285 -11.35 -26.18 25.66
N GLU B 286 -11.16 -25.60 26.84
CA GLU B 286 -10.62 -26.33 27.99
C GLU B 286 -11.53 -27.47 28.42
N THR B 287 -12.83 -27.20 28.49
CA THR B 287 -13.84 -28.24 28.72
C THR B 287 -13.78 -29.32 27.63
N LEU B 288 -13.82 -28.91 26.36
CA LEU B 288 -13.89 -29.86 25.22
C LEU B 288 -12.67 -30.79 25.16
N TYR B 289 -11.48 -30.23 25.32
CA TYR B 289 -10.26 -31.04 25.41
C TYR B 289 -10.37 -32.19 26.43
N LYS B 290 -10.87 -31.88 27.62
CA LYS B 290 -11.01 -32.85 28.72
C LYS B 290 -12.03 -33.94 28.38
N LYS B 291 -13.22 -33.53 27.95
CA LYS B 291 -14.28 -34.45 27.50
C LYS B 291 -13.71 -35.45 26.50
N GLN B 292 -13.08 -34.93 25.45
CA GLN B 292 -12.54 -35.75 24.39
C GLN B 292 -11.51 -36.72 24.92
N TYR B 293 -10.61 -36.22 25.77
CA TYR B 293 -9.51 -37.03 26.28
C TYR B 293 -9.99 -38.22 27.11
N PHE B 294 -11.04 -38.01 27.91
CA PHE B 294 -11.53 -39.05 28.84
C PHE B 294 -12.77 -39.77 28.31
N GLU B 295 -13.81 -39.01 27.97
CA GLU B 295 -15.08 -39.60 27.55
C GLU B 295 -15.21 -39.88 26.03
N GLY B 296 -14.24 -39.46 25.23
CA GLY B 296 -14.33 -39.56 23.76
C GLY B 296 -13.85 -40.88 23.17
N THR B 297 -14.48 -41.28 22.05
CA THR B 297 -13.95 -42.35 21.18
C THR B 297 -13.77 -41.84 19.76
N MET B 298 -12.85 -42.47 19.04
CA MET B 298 -12.53 -42.09 17.65
C MET B 298 -13.61 -42.55 16.65
N THR B 299 -13.66 -41.84 15.53
CA THR B 299 -14.57 -42.07 14.43
C THR B 299 -13.81 -42.68 13.24
N VAL B 300 -12.48 -42.70 13.30
CA VAL B 300 -11.66 -42.84 12.10
C VAL B 300 -11.03 -44.20 12.07
N GLU B 301 -11.13 -44.85 10.92
CA GLU B 301 -10.46 -46.12 10.70
C GLU B 301 -8.96 -45.85 10.64
N PRO B 302 -8.10 -46.73 11.19
CA PRO B 302 -8.43 -47.99 11.81
C PRO B 302 -8.64 -47.95 13.33
N TYR B 303 -8.97 -46.78 13.88
CA TYR B 303 -9.06 -46.59 15.32
C TYR B 303 -10.52 -46.42 15.77
N LYS B 304 -11.47 -46.89 14.97
CA LYS B 304 -12.87 -46.65 15.26
C LYS B 304 -13.24 -47.20 16.65
N GLY B 305 -13.91 -46.38 17.46
CA GLY B 305 -14.41 -46.79 18.78
C GLY B 305 -13.38 -46.85 19.91
N MET B 306 -12.20 -46.28 19.65
CA MET B 306 -11.03 -46.43 20.52
C MET B 306 -10.77 -45.14 21.29
N LYS B 307 -10.15 -45.26 22.45
CA LYS B 307 -9.94 -44.14 23.38
C LYS B 307 -8.94 -43.11 22.84
N ILE B 308 -9.23 -41.82 23.03
CA ILE B 308 -8.38 -40.75 22.52
C ILE B 308 -6.91 -40.93 22.89
N TYR B 309 -6.64 -41.22 24.16
CA TYR B 309 -5.26 -41.38 24.63
C TYR B 309 -4.52 -42.57 24.03
N ASN B 310 -5.24 -43.61 23.59
CA ASN B 310 -4.60 -44.77 22.98
C ASN B 310 -4.32 -44.58 21.49
N CYS B 311 -5.30 -44.02 20.78
CA CYS B 311 -5.13 -43.60 19.38
C CYS B 311 -4.01 -42.57 19.23
N ARG B 312 -3.94 -41.62 20.17
CA ARG B 312 -2.91 -40.58 20.14
C ARG B 312 -1.50 -41.16 20.22
N LYS B 313 -1.32 -42.15 21.10
CA LYS B 313 -0.05 -42.88 21.20
C LYS B 313 0.31 -43.52 19.86
N LEU B 314 -0.65 -44.19 19.24
CA LEU B 314 -0.40 -44.88 17.97
C LEU B 314 -0.08 -43.92 16.80
N VAL B 315 -0.87 -42.85 16.70
CA VAL B 315 -0.68 -41.82 15.67
C VAL B 315 0.70 -41.18 15.84
N LYS B 316 0.98 -40.67 17.04
CA LYS B 316 2.28 -40.03 17.33
C LYS B 316 3.45 -40.93 17.04
N GLN B 317 3.29 -42.22 17.32
CA GLN B 317 4.34 -43.20 17.06
C GLN B 317 4.52 -43.43 15.54
N TYR B 318 3.40 -43.41 14.79
CA TYR B 318 3.48 -43.54 13.34
C TYR B 318 4.18 -42.31 12.74
N ILE B 319 3.67 -41.14 13.10
CA ILE B 319 4.21 -39.86 12.64
C ILE B 319 5.72 -39.83 12.82
N ILE B 320 6.19 -40.21 14.01
CA ILE B 320 7.63 -40.20 14.30
C ILE B 320 8.42 -41.29 13.54
N LYS B 321 7.88 -42.49 13.46
CA LYS B 321 8.58 -43.62 12.81
C LYS B 321 8.69 -43.40 11.30
N ASN B 322 7.62 -42.87 10.70
CA ASN B 322 7.57 -42.62 9.25
C ASN B 322 7.97 -41.20 8.83
N ASN B 323 8.66 -40.47 9.72
CA ASN B 323 9.20 -39.14 9.44
C ASN B 323 8.20 -38.09 8.92
N GLU B 324 6.96 -38.16 9.40
CA GLU B 324 5.93 -37.16 9.06
C GLU B 324 5.83 -36.01 10.06
N GLY B 325 6.79 -35.89 10.96
CA GLY B 325 6.69 -34.95 12.06
C GLY B 325 7.77 -35.07 13.12
N PHE B 326 7.52 -34.47 14.27
CA PHE B 326 8.48 -34.42 15.37
C PHE B 326 7.81 -34.25 16.73
N LEU B 327 8.50 -34.71 17.77
CA LEU B 327 8.13 -34.43 19.14
C LEU B 327 8.84 -33.16 19.56
N TYR B 328 8.11 -32.29 20.26
CA TYR B 328 8.59 -30.97 20.60
C TYR B 328 8.23 -30.69 22.07
N SER B 329 9.21 -30.20 22.82
CA SER B 329 9.04 -29.80 24.21
C SER B 329 9.79 -28.51 24.40
N GLU B 330 9.18 -27.56 25.10
CA GLU B 330 9.83 -26.29 25.40
C GLU B 330 9.84 -26.04 26.90
N LEU C 21 -38.54 9.17 19.15
CA LEU C 21 -39.32 9.56 17.91
C LEU C 21 -39.97 8.34 17.26
N TYR C 22 -41.04 8.58 16.49
CA TYR C 22 -41.86 7.52 15.89
C TYR C 22 -41.96 7.59 14.36
N PHE C 23 -42.05 6.40 13.74
CA PHE C 23 -42.09 6.21 12.29
C PHE C 23 -43.03 5.06 11.99
N GLN C 24 -44.06 5.30 11.19
CA GLN C 24 -45.12 4.30 10.89
C GLN C 24 -45.74 3.65 12.16
N GLY C 25 -45.84 4.43 13.25
CA GLY C 25 -46.35 3.95 14.53
C GLY C 25 -45.45 3.05 15.36
N ALA C 26 -44.13 3.19 15.18
CA ALA C 26 -43.15 2.40 15.93
C ALA C 26 -41.95 3.29 16.25
N MET C 27 -41.33 3.08 17.42
CA MET C 27 -40.16 3.87 17.83
C MET C 27 -38.96 3.47 16.98
N GLY C 28 -38.27 4.45 16.41
CA GLY C 28 -37.26 4.22 15.37
C GLY C 28 -35.80 4.15 15.81
N LYS C 29 -35.56 3.84 17.09
CA LYS C 29 -34.22 3.95 17.67
C LYS C 29 -33.32 2.76 17.34
N CYS C 30 -33.81 1.55 17.63
CA CYS C 30 -33.02 0.33 17.49
C CYS C 30 -33.59 -0.53 16.38
N GLN C 31 -34.07 0.15 15.33
CA GLN C 31 -34.97 -0.41 14.35
C GLN C 31 -34.20 -0.59 13.03
N GLU C 32 -34.25 -1.80 12.44
CA GLU C 32 -33.69 -2.01 11.09
C GLU C 32 -34.74 -1.54 10.06
N PHE C 33 -34.41 -0.51 9.27
CA PHE C 33 -35.31 -0.06 8.23
C PHE C 33 -35.03 -0.84 6.96
N THR C 34 -36.07 -1.08 6.15
CA THR C 34 -35.89 -1.57 4.78
C THR C 34 -35.94 -0.37 3.83
N LEU C 35 -34.98 -0.29 2.92
CA LEU C 35 -35.00 0.74 1.90
C LEU C 35 -35.44 0.07 0.61
N ILE C 36 -36.49 0.58 -0.01
CA ILE C 36 -36.98 0.02 -1.24
C ILE C 36 -36.73 0.98 -2.38
N LYS C 37 -36.07 0.48 -3.42
CA LYS C 37 -35.79 1.25 -4.62
C LYS C 37 -37.07 1.63 -5.33
N ILE C 38 -37.26 2.94 -5.52
CA ILE C 38 -38.40 3.45 -6.23
C ILE C 38 -37.91 4.17 -7.46
N TYR C 39 -38.29 3.66 -8.62
CA TYR C 39 -37.68 4.04 -9.88
C TYR C 39 -38.48 5.16 -10.48
N VAL C 40 -37.77 6.12 -11.09
CA VAL C 40 -38.39 7.19 -11.87
C VAL C 40 -38.76 6.59 -13.21
N HIS C 41 -39.99 6.80 -13.64
CA HIS C 41 -40.46 6.25 -14.93
C HIS C 41 -39.74 6.87 -16.12
N ASP C 42 -39.60 8.20 -16.13
CA ASP C 42 -39.10 8.96 -17.31
C ASP C 42 -37.92 9.85 -16.92
N TYR C 43 -36.72 9.43 -17.33
CA TYR C 43 -35.52 10.17 -17.01
C TYR C 43 -35.60 11.68 -17.46
N LYS C 44 -36.22 11.90 -18.61
CA LYS C 44 -36.41 13.25 -19.17
C LYS C 44 -37.32 14.12 -18.29
N GLU C 45 -38.36 13.53 -17.70
CA GLU C 45 -39.13 14.22 -16.67
C GLU C 45 -38.23 14.67 -15.51
N PHE C 46 -37.31 13.80 -15.11
CA PHE C 46 -36.34 14.12 -14.05
C PHE C 46 -35.28 15.13 -14.53
N TYR C 47 -34.83 14.99 -15.76
CA TYR C 47 -33.81 15.88 -16.30
C TYR C 47 -34.31 17.35 -16.35
N GLU C 48 -35.57 17.57 -16.71
CA GLU C 48 -36.15 18.94 -16.67
C GLU C 48 -36.03 19.53 -15.27
N ILE C 49 -36.40 18.74 -14.26
CA ILE C 49 -36.24 19.16 -12.86
C ILE C 49 -34.78 19.54 -12.57
N TYR C 50 -33.86 18.71 -13.05
CA TYR C 50 -32.44 18.96 -12.88
C TYR C 50 -32.05 20.31 -13.48
N LEU C 51 -32.43 20.54 -14.72
CA LEU C 51 -32.13 21.82 -15.38
C LEU C 51 -32.71 23.03 -14.67
N ARG C 52 -33.95 22.93 -14.23
CA ARG C 52 -34.59 24.05 -13.51
C ARG C 52 -33.76 24.43 -12.28
N ASN C 53 -33.38 23.44 -11.47
CA ASN C 53 -32.50 23.67 -10.32
C ASN C 53 -31.05 23.45 -10.74
N GLU C 65 -20.81 19.10 -15.95
CA GLU C 65 -21.44 19.48 -17.22
C GLU C 65 -21.52 18.34 -18.26
N ASN C 66 -20.88 17.20 -17.97
CA ASN C 66 -21.25 15.91 -18.60
C ASN C 66 -22.43 15.25 -17.91
N VAL C 67 -22.90 15.87 -16.83
CA VAL C 67 -24.12 15.48 -16.18
C VAL C 67 -25.23 16.09 -17.01
N ASN C 68 -25.60 15.39 -18.07
CA ASN C 68 -26.54 15.83 -19.10
C ASN C 68 -27.65 14.79 -19.35
N GLU C 69 -28.44 14.98 -20.40
CA GLU C 69 -29.49 14.04 -20.77
C GLU C 69 -28.94 12.63 -20.99
N ASN C 70 -27.96 12.52 -21.86
CA ASN C 70 -27.27 11.25 -22.14
C ASN C 70 -26.87 10.43 -20.88
N PHE C 71 -26.20 11.10 -19.94
CA PHE C 71 -25.89 10.54 -18.61
C PHE C 71 -27.11 9.95 -17.89
N PHE C 72 -28.19 10.73 -17.75
CA PHE C 72 -29.40 10.23 -17.07
C PHE C 72 -30.16 9.12 -17.84
N SER C 73 -29.99 9.05 -19.16
CA SER C 73 -30.57 7.95 -19.95
C SER C 73 -29.88 6.62 -19.64
N GLN C 74 -28.64 6.69 -19.15
CA GLN C 74 -27.83 5.50 -18.84
C GLN C 74 -27.99 5.03 -17.39
N LYS C 75 -28.22 5.96 -16.47
CA LYS C 75 -28.39 5.64 -15.06
C LYS C 75 -29.85 5.30 -14.75
N LYS C 76 -30.08 4.47 -13.73
CA LYS C 76 -31.42 4.30 -13.17
C LYS C 76 -31.56 5.34 -12.07
N ILE C 77 -32.66 6.07 -12.08
CA ILE C 77 -32.88 7.18 -11.17
C ILE C 77 -33.85 6.69 -10.11
N ILE C 78 -33.35 6.54 -8.89
CA ILE C 78 -34.05 5.81 -7.85
C ILE C 78 -34.18 6.69 -6.62
N LEU C 79 -35.36 6.75 -6.05
CA LEU C 79 -35.49 7.27 -4.72
C LEU C 79 -35.41 6.07 -3.78
N LEU C 80 -34.69 6.26 -2.68
CA LEU C 80 -34.60 5.22 -1.67
C LEU C 80 -35.67 5.53 -0.65
N ALA C 81 -36.70 4.69 -0.61
CA ALA C 81 -37.81 4.84 0.30
C ALA C 81 -37.60 3.98 1.54
N SER C 82 -37.91 4.53 2.72
CA SER C 82 -37.69 3.87 4.00
C SER C 82 -38.98 3.29 4.54
N THR C 83 -38.94 2.02 4.97
CA THR C 83 -40.12 1.35 5.52
C THR C 83 -39.75 0.32 6.60
N LEU C 84 -40.57 0.26 7.65
CA LEU C 84 -40.57 -0.80 8.64
C LEU C 84 -41.71 -1.79 8.36
N LYS C 85 -42.47 -1.55 7.28
CA LYS C 85 -43.58 -2.41 6.88
C LYS C 85 -43.43 -2.75 5.41
N PRO C 86 -42.36 -3.46 5.03
CA PRO C 86 -42.19 -3.90 3.65
C PRO C 86 -43.19 -4.98 3.20
N GLU C 87 -43.82 -5.66 4.15
CA GLU C 87 -44.92 -6.57 3.82
C GLU C 87 -46.09 -5.83 3.15
N THR C 88 -46.23 -4.52 3.40
CA THR C 88 -47.26 -3.73 2.76
C THR C 88 -46.89 -3.18 1.38
N ALA C 89 -45.68 -3.48 0.90
CA ALA C 89 -45.13 -2.84 -0.30
C ALA C 89 -45.98 -3.06 -1.55
N TYR C 90 -46.65 -4.22 -1.61
CA TYR C 90 -47.56 -4.58 -2.70
C TYR C 90 -48.67 -3.53 -2.92
N GLY C 91 -49.13 -2.89 -1.85
CA GLY C 91 -50.17 -1.89 -1.93
C GLY C 91 -49.69 -0.45 -2.04
N GLN C 92 -48.41 -0.25 -2.36
CA GLN C 92 -47.88 1.12 -2.45
C GLN C 92 -48.54 1.86 -3.60
N ASN C 93 -49.27 2.92 -3.27
CA ASN C 93 -49.98 3.69 -4.29
C ASN C 93 -49.35 5.05 -4.59
N TYR C 94 -48.43 5.51 -3.75
CA TYR C 94 -47.73 6.79 -3.92
C TYR C 94 -46.40 6.75 -3.19
N THR C 95 -45.62 7.80 -3.34
CA THR C 95 -44.37 7.94 -2.62
C THR C 95 -44.40 9.31 -1.99
N PHE C 96 -44.30 9.36 -0.67
CA PHE C 96 -44.33 10.64 0.03
C PHE C 96 -42.96 11.24 0.21
N VAL C 97 -42.89 12.55 0.03
CA VAL C 97 -41.70 13.36 0.40
C VAL C 97 -42.17 14.57 1.19
N ASN C 98 -41.28 15.11 2.02
CA ASN C 98 -41.55 16.36 2.70
C ASN C 98 -41.27 17.49 1.71
N PRO C 99 -42.32 18.23 1.28
CA PRO C 99 -42.14 19.21 0.22
C PRO C 99 -41.24 20.38 0.60
N GLY C 100 -41.27 20.82 1.85
CA GLY C 100 -40.52 21.99 2.26
C GLY C 100 -39.18 21.73 2.90
N GLU C 101 -38.52 20.65 2.50
CA GLU C 101 -37.21 20.27 3.04
C GLU C 101 -36.29 19.82 1.92
N TYR C 102 -34.99 19.73 2.21
CA TYR C 102 -34.02 19.38 1.18
C TYR C 102 -33.78 17.87 1.09
N TYR C 103 -33.73 17.38 -0.15
CA TYR C 103 -33.24 16.06 -0.48
C TYR C 103 -31.99 16.18 -1.30
N TYR C 104 -31.15 15.15 -1.23
CA TYR C 104 -29.85 15.14 -1.90
C TYR C 104 -29.84 14.08 -2.98
N VAL C 105 -29.21 14.42 -4.09
CA VAL C 105 -29.12 13.55 -5.25
C VAL C 105 -27.68 13.14 -5.41
N THR C 106 -27.41 11.86 -5.23
CA THR C 106 -26.04 11.35 -5.39
C THR C 106 -26.03 10.17 -6.34
N LEU C 107 -24.86 9.56 -6.50
CA LEU C 107 -24.69 8.32 -7.25
C LEU C 107 -24.40 7.16 -6.27
N GLY C 108 -24.68 5.95 -6.73
CA GLY C 108 -24.49 4.75 -5.93
C GLY C 108 -24.58 3.46 -6.70
N PHE C 109 -24.30 2.36 -5.99
CA PHE C 109 -24.14 1.02 -6.59
C PHE C 109 -25.46 0.28 -6.57
N ASN C 110 -25.66 -0.65 -7.51
CA ASN C 110 -26.90 -1.45 -7.51
C ASN C 110 -26.98 -2.33 -6.27
N LYS C 111 -25.89 -3.06 -6.00
CA LYS C 111 -25.75 -3.86 -4.76
C LYS C 111 -24.70 -3.22 -3.90
N GLN C 112 -24.75 -3.46 -2.59
CA GLN C 112 -23.79 -2.80 -1.68
C GLN C 112 -22.41 -3.37 -1.94
N ARG C 113 -21.40 -2.48 -2.01
CA ARG C 113 -20.02 -2.88 -2.24
C ARG C 113 -19.31 -3.00 -0.91
N LEU C 114 -18.87 -4.22 -0.61
CA LEU C 114 -18.12 -4.51 0.59
C LEU C 114 -16.65 -4.40 0.18
N HIS C 115 -16.15 -3.18 0.25
CA HIS C 115 -14.76 -2.85 -0.01
C HIS C 115 -14.21 -2.18 1.26
N TYR C 116 -12.96 -2.50 1.61
CA TYR C 116 -12.35 -2.08 2.89
C TYR C 116 -11.04 -1.31 2.67
N GLY C 117 -10.13 -1.92 1.91
CA GLY C 117 -8.85 -1.30 1.57
C GLY C 117 -7.92 -1.35 2.77
N ASP C 118 -7.52 -0.18 3.22
CA ASP C 118 -6.67 0.01 4.40
C ASP C 118 -7.43 -0.29 5.71
N LYS C 119 -8.76 -0.09 5.73
CA LYS C 119 -9.53 -0.04 6.99
C LYS C 119 -10.20 -1.38 7.36
N ASN C 120 -10.87 -1.36 8.52
CA ASN C 120 -11.75 -2.45 8.96
C ASN C 120 -13.23 -2.00 9.12
N TYR C 121 -13.61 -1.00 8.33
CA TYR C 121 -15.01 -0.65 8.09
C TYR C 121 -15.16 -0.49 6.58
N VAL C 122 -16.39 -0.65 6.08
CA VAL C 122 -16.64 -0.56 4.65
C VAL C 122 -16.50 0.89 4.16
N ASN C 123 -15.69 1.09 3.12
CA ASN C 123 -15.52 2.39 2.45
C ASN C 123 -15.16 2.22 0.97
N ASN C 124 -15.84 2.95 0.10
CA ASN C 124 -15.51 2.99 -1.33
C ASN C 124 -15.08 4.41 -1.69
N VAL C 125 -13.80 4.72 -1.49
CA VAL C 125 -13.23 6.02 -1.87
C VAL C 125 -12.86 5.98 -3.33
N MET C 126 -13.35 6.95 -4.09
CA MET C 126 -13.08 7.02 -5.52
C MET C 126 -12.90 8.49 -5.92
N THR C 127 -12.38 8.70 -7.13
CA THR C 127 -12.35 10.03 -7.78
C THR C 127 -13.72 10.35 -8.39
N ARG C 128 -13.96 11.64 -8.66
CA ARG C 128 -15.22 12.10 -9.29
C ARG C 128 -15.48 11.37 -10.62
N ASP C 129 -14.45 11.24 -11.45
CA ASP C 129 -14.57 10.56 -12.75
C ASP C 129 -14.89 9.07 -12.58
N GLU C 130 -14.20 8.41 -11.65
CA GLU C 130 -14.41 6.97 -11.41
C GLU C 130 -15.85 6.66 -10.98
N ILE C 131 -16.39 7.50 -10.09
CA ILE C 131 -17.77 7.36 -9.60
C ILE C 131 -18.75 7.46 -10.78
N ILE C 132 -18.66 8.57 -11.51
CA ILE C 132 -19.52 8.83 -12.70
C ILE C 132 -19.51 7.68 -13.73
N ASP C 133 -18.39 6.97 -13.84
CA ASP C 133 -18.28 5.81 -14.73
C ASP C 133 -18.80 4.49 -14.08
N SER C 134 -18.39 4.24 -12.84
CA SER C 134 -18.64 2.94 -12.17
C SER C 134 -20.06 2.74 -11.64
N CYS C 135 -20.64 3.78 -11.05
CA CYS C 135 -21.98 3.69 -10.42
C CYS C 135 -23.12 3.61 -11.42
N GLU C 136 -23.92 2.56 -11.30
CA GLU C 136 -25.03 2.34 -12.22
C GLU C 136 -26.26 3.19 -11.88
N ASN C 137 -26.35 3.71 -10.65
CA ASN C 137 -27.58 4.37 -10.17
C ASN C 137 -27.43 5.80 -9.67
N VAL C 138 -28.48 6.59 -9.86
CA VAL C 138 -28.64 7.88 -9.21
C VAL C 138 -29.59 7.66 -8.05
N TYR C 139 -29.12 7.91 -6.81
CA TYR C 139 -29.97 7.80 -5.63
C TYR C 139 -30.41 9.15 -5.13
N ILE C 140 -31.63 9.22 -4.61
CA ILE C 140 -32.14 10.41 -3.99
C ILE C 140 -32.53 10.04 -2.57
N CYS C 141 -32.09 10.85 -1.60
CA CYS C 141 -32.26 10.55 -0.18
C CYS C 141 -31.94 11.76 0.69
N SER C 142 -32.36 11.68 1.94
CA SER C 142 -32.17 12.78 2.89
C SER C 142 -30.73 12.91 3.31
N GLU C 143 -30.46 14.08 3.89
CA GLU C 143 -29.14 14.41 4.44
C GLU C 143 -28.79 13.48 5.60
N ASN C 144 -29.78 13.21 6.44
CA ASN C 144 -29.63 12.28 7.56
C ASN C 144 -29.07 10.92 7.19
N SER C 145 -29.45 10.42 6.01
CA SER C 145 -29.10 9.05 5.61
C SER C 145 -27.78 8.91 4.85
N LEU C 146 -27.29 10.02 4.30
CA LEU C 146 -26.13 9.99 3.40
C LEU C 146 -24.89 9.21 3.87
N TYR C 147 -24.40 9.48 5.08
CA TYR C 147 -23.18 8.80 5.58
C TYR C 147 -23.45 7.34 5.91
N ASN C 148 -24.59 7.07 6.51
CA ASN C 148 -24.99 5.68 6.79
C ASN C 148 -24.95 4.81 5.50
N LEU C 149 -25.47 5.35 4.39
CA LEU C 149 -25.44 4.64 3.11
C LEU C 149 -24.01 4.45 2.58
N ALA C 150 -23.20 5.49 2.75
CA ALA C 150 -21.79 5.42 2.42
C ALA C 150 -21.11 4.29 3.19
N TYR C 151 -21.31 4.28 4.51
CA TYR C 151 -20.70 3.28 5.37
C TYR C 151 -21.29 1.87 5.27
N GLN C 152 -22.47 1.72 4.66
CA GLN C 152 -23.02 0.38 4.30
C GLN C 152 -22.65 -0.02 2.86
N GLY C 153 -21.85 0.80 2.18
CA GLY C 153 -21.42 0.52 0.83
C GLY C 153 -22.43 0.75 -0.28
N VAL C 154 -23.45 1.59 -0.04
CA VAL C 154 -24.47 1.90 -1.05
C VAL C 154 -23.99 2.99 -2.02
N ILE C 155 -23.35 4.03 -1.48
CA ILE C 155 -22.82 5.14 -2.26
C ILE C 155 -21.32 5.34 -2.00
N PRO C 156 -20.57 5.76 -3.03
CA PRO C 156 -19.14 5.92 -2.86
C PRO C 156 -18.78 7.23 -2.19
N MET C 157 -17.50 7.38 -1.88
CA MET C 157 -16.97 8.58 -1.26
C MET C 157 -15.86 9.19 -2.12
N LEU C 158 -15.57 10.45 -1.79
CA LEU C 158 -14.48 11.21 -2.38
C LEU C 158 -13.44 11.44 -1.28
N SER C 159 -12.28 11.95 -1.68
CA SER C 159 -11.26 12.40 -0.72
C SER C 159 -11.83 13.53 0.12
N LYS C 160 -11.53 13.51 1.42
CA LYS C 160 -12.02 14.53 2.34
C LYS C 160 -11.39 15.90 2.01
N GLY C 161 -12.23 16.83 1.53
CA GLY C 161 -11.87 18.25 1.45
C GLY C 161 -12.22 18.93 2.77
N SER C 162 -12.12 20.25 2.79
CA SER C 162 -12.31 21.03 4.03
C SER C 162 -13.75 21.05 4.56
N SER C 163 -14.73 21.03 3.67
CA SER C 163 -16.15 21.21 4.05
C SER C 163 -16.87 19.91 4.46
N PRO C 164 -17.98 20.03 5.23
CA PRO C 164 -18.87 18.86 5.40
C PRO C 164 -19.60 18.50 4.11
N PHE C 165 -19.83 17.21 3.90
CA PHE C 165 -20.36 16.64 2.65
C PHE C 165 -19.43 16.79 1.42
N SER C 166 -18.18 17.21 1.62
CA SER C 166 -17.20 17.35 0.54
C SER C 166 -16.60 16.00 0.17
N ASP C 167 -16.67 15.04 1.11
CA ASP C 167 -16.32 13.64 0.82
C ASP C 167 -17.43 12.83 0.10
N LEU C 168 -18.51 13.50 -0.36
CA LEU C 168 -19.59 12.87 -1.13
C LEU C 168 -19.84 13.61 -2.44
N LEU C 169 -20.19 12.86 -3.49
CA LEU C 169 -20.51 13.45 -4.79
C LEU C 169 -22.00 13.74 -4.85
N ILE C 170 -22.35 14.98 -4.52
CA ILE C 170 -23.71 15.49 -4.61
C ILE C 170 -23.86 16.09 -6.02
N LEU C 171 -24.84 15.61 -6.79
CA LEU C 171 -25.10 16.16 -8.11
C LEU C 171 -26.00 17.36 -7.99
N MET C 172 -26.92 17.33 -7.03
CA MET C 172 -27.76 18.49 -6.78
C MET C 172 -28.42 18.35 -5.44
N LYS C 173 -29.06 19.43 -5.02
CA LYS C 173 -29.78 19.50 -3.76
C LYS C 173 -31.08 20.18 -4.14
N ILE C 174 -32.21 19.52 -3.91
CA ILE C 174 -33.52 20.03 -4.34
C ILE C 174 -34.49 19.98 -3.19
N LYS C 175 -35.51 20.82 -3.24
CA LYS C 175 -36.62 20.72 -2.30
C LYS C 175 -37.54 19.60 -2.72
N GLY C 176 -38.21 19.02 -1.73
CA GLY C 176 -39.24 18.02 -1.96
C GLY C 176 -40.22 18.49 -3.01
N GLU C 177 -40.64 19.76 -2.88
CA GLU C 177 -41.44 20.50 -3.90
C GLU C 177 -41.19 20.07 -5.33
N GLU C 178 -39.91 20.08 -5.72
CA GLU C 178 -39.50 19.83 -7.12
C GLU C 178 -39.74 18.39 -7.61
N LEU C 179 -39.86 17.46 -6.67
CA LEU C 179 -40.12 16.05 -6.97
C LEU C 179 -41.60 15.72 -7.10
N VAL C 180 -42.46 16.54 -6.53
CA VAL C 180 -43.88 16.23 -6.42
C VAL C 180 -44.45 16.17 -7.83
N GLY C 181 -45.21 15.10 -8.09
CA GLY C 181 -45.79 14.83 -9.40
C GLY C 181 -45.07 13.82 -10.27
N LEU C 182 -43.81 13.50 -9.95
CA LEU C 182 -43.04 12.54 -10.75
C LEU C 182 -43.68 11.17 -10.74
N ARG C 183 -43.83 10.59 -11.91
CA ARG C 183 -44.35 9.24 -12.05
C ARG C 183 -43.23 8.26 -11.65
N THR C 184 -43.55 7.38 -10.70
CA THR C 184 -42.62 6.42 -10.12
C THR C 184 -43.25 5.04 -9.98
N TYR C 185 -42.41 4.04 -9.81
CA TYR C 185 -42.86 2.68 -9.52
C TYR C 185 -41.82 1.98 -8.68
N SER C 186 -42.24 0.99 -7.91
CA SER C 186 -41.31 0.00 -7.37
C SER C 186 -41.56 -1.28 -8.13
N ASN C 187 -40.60 -2.18 -8.07
CA ASN C 187 -40.81 -3.50 -8.64
C ASN C 187 -41.68 -4.38 -7.76
N LEU C 188 -42.03 -3.93 -6.55
CA LEU C 188 -42.88 -4.70 -5.64
C LEU C 188 -44.35 -4.26 -5.66
N SER C 189 -44.62 -3.03 -6.08
CA SER C 189 -46.00 -2.51 -6.06
C SER C 189 -46.94 -3.20 -7.09
N GLU C 190 -48.22 -3.27 -6.75
CA GLU C 190 -49.24 -3.88 -7.63
C GLU C 190 -49.28 -3.15 -8.97
N LYS C 191 -49.41 -1.83 -8.90
CA LYS C 191 -49.54 -0.97 -10.06
C LYS C 191 -48.32 -0.06 -10.20
N LYS C 192 -48.17 0.57 -11.37
CA LYS C 192 -46.90 1.22 -11.72
C LYS C 192 -46.95 2.70 -12.01
N ASP C 193 -48.11 3.33 -11.80
CA ASP C 193 -48.27 4.74 -12.05
C ASP C 193 -48.40 5.42 -10.70
N LEU C 194 -47.29 5.42 -9.97
CA LEU C 194 -47.22 6.02 -8.63
C LEU C 194 -46.67 7.43 -8.72
N TYR C 195 -47.07 8.29 -7.81
CA TYR C 195 -46.68 9.66 -7.87
C TYR C 195 -46.07 10.07 -6.55
N ILE C 196 -45.17 11.03 -6.62
CA ILE C 196 -44.60 11.61 -5.45
C ILE C 196 -45.59 12.66 -5.01
N LEU C 197 -46.05 12.54 -3.77
CA LEU C 197 -46.93 13.52 -3.13
C LEU C 197 -46.30 14.13 -1.87
N PRO C 198 -46.83 15.27 -1.39
CA PRO C 198 -46.28 15.91 -0.20
C PRO C 198 -46.86 15.39 1.14
N MET C 199 -45.99 15.27 2.13
CA MET C 199 -46.39 14.97 3.52
C MET C 199 -45.45 15.74 4.43
N THR C 200 -45.96 16.81 5.02
CA THR C 200 -45.16 17.75 5.81
C THR C 200 -44.75 17.21 7.19
N THR C 201 -45.41 16.14 7.64
CA THR C 201 -45.13 15.51 8.92
C THR C 201 -43.94 14.56 8.92
N ILE C 202 -43.27 14.40 7.78
CA ILE C 202 -42.08 13.53 7.64
C ILE C 202 -40.85 14.07 8.39
N LYS C 203 -40.36 13.29 9.35
CA LYS C 203 -39.19 13.69 10.12
C LYS C 203 -37.97 13.51 9.26
N MET C 204 -37.22 14.59 9.09
CA MET C 204 -36.02 14.59 8.24
C MET C 204 -34.81 13.93 8.87
N ASN C 205 -34.87 13.66 10.17
CA ASN C 205 -33.80 12.94 10.86
C ASN C 205 -34.08 11.44 11.07
N ILE C 206 -35.16 10.91 10.45
CA ILE C 206 -35.46 9.46 10.47
C ILE C 206 -35.25 8.85 9.09
N ALA C 207 -34.24 8.01 8.97
CA ALA C 207 -33.90 7.32 7.73
C ALA C 207 -33.85 8.26 6.51
N THR C 208 -34.39 7.86 5.36
CA THR C 208 -34.20 8.62 4.12
C THR C 208 -35.21 9.73 3.89
N ALA C 209 -36.23 9.81 4.74
CA ALA C 209 -37.32 10.79 4.61
C ALA C 209 -38.09 10.69 3.29
N ILE C 210 -38.16 9.49 2.74
CA ILE C 210 -39.00 9.19 1.58
C ILE C 210 -39.74 7.94 1.99
N VAL C 211 -41.06 8.00 2.02
CA VAL C 211 -41.85 6.96 2.65
C VAL C 211 -42.84 6.41 1.61
N PRO C 212 -42.97 5.07 1.52
CA PRO C 212 -44.03 4.55 0.68
C PRO C 212 -45.37 4.93 1.29
N CYS C 213 -46.25 5.44 0.45
CA CYS C 213 -47.65 5.61 0.80
C CYS C 213 -48.31 4.27 0.52
N VAL C 214 -48.94 3.72 1.56
CA VAL C 214 -49.77 2.51 1.43
C VAL C 214 -51.09 2.84 2.16
N SER C 215 -51.92 3.64 1.49
CA SER C 215 -53.13 4.21 2.10
C SER C 215 -54.14 3.19 2.62
N SER C 216 -54.08 1.95 2.11
CA SER C 216 -54.91 0.87 2.63
C SER C 216 -54.53 0.51 4.06
N ASP C 217 -53.24 0.30 4.31
CA ASP C 217 -52.75 -0.19 5.60
C ASP C 217 -52.04 0.84 6.47
N SER C 218 -52.28 2.14 6.24
CA SER C 218 -51.76 3.19 7.14
C SER C 218 -52.78 4.30 7.26
N ALA C 219 -53.24 4.52 8.49
CA ALA C 219 -54.18 5.60 8.77
C ALA C 219 -53.56 6.95 8.44
N ASP C 220 -52.27 7.07 8.72
CA ASP C 220 -51.47 8.27 8.40
C ASP C 220 -51.44 8.53 6.90
N ASP C 221 -51.12 7.50 6.13
CA ASP C 221 -51.05 7.62 4.69
C ASP C 221 -52.46 7.88 4.12
N TYR C 222 -53.48 7.22 4.68
CA TYR C 222 -54.90 7.46 4.30
C TYR C 222 -55.30 8.92 4.56
N ALA C 223 -55.04 9.37 5.78
CA ALA C 223 -55.32 10.76 6.17
C ALA C 223 -54.69 11.78 5.23
N CYS C 224 -53.42 11.54 4.85
CA CYS C 224 -52.71 12.46 3.97
C CYS C 224 -53.30 12.52 2.56
N LEU C 225 -53.84 11.39 2.10
CA LEU C 225 -54.55 11.36 0.81
C LEU C 225 -55.89 12.08 0.85
N GLN C 226 -56.65 11.90 1.95
CA GLN C 226 -57.94 12.59 2.09
C GLN C 226 -57.74 14.11 2.11
N ASP C 227 -56.72 14.57 2.84
CA ASP C 227 -56.35 15.99 2.82
C ASP C 227 -55.91 16.43 1.43
N ILE C 228 -55.17 15.58 0.73
CA ILE C 228 -54.80 15.87 -0.68
C ILE C 228 -56.05 15.99 -1.55
N ARG C 229 -57.01 15.07 -1.36
CA ARG C 229 -58.25 15.06 -2.15
C ARG C 229 -59.22 16.19 -1.76
N ARG C 230 -59.47 16.36 -0.46
CA ARG C 230 -60.29 17.46 0.09
C ARG C 230 -59.86 18.81 -0.52
N LYS C 231 -58.55 19.00 -0.66
CA LYS C 231 -57.98 20.19 -1.29
C LYS C 231 -57.36 19.88 -2.66
N GLN C 232 -58.04 19.05 -3.46
CA GLN C 232 -57.64 18.75 -4.87
C GLN C 232 -57.17 19.97 -5.64
N ALA C 233 -57.95 21.06 -5.52
CA ALA C 233 -57.63 22.32 -6.17
C ALA C 233 -56.28 22.86 -5.72
N TYR C 234 -56.16 23.21 -4.45
CA TYR C 234 -54.96 23.88 -3.90
C TYR C 234 -53.65 23.16 -4.27
N TYR C 235 -53.63 21.85 -4.06
CA TYR C 235 -52.46 21.03 -4.35
C TYR C 235 -52.07 21.05 -5.83
N CYS C 236 -53.05 21.08 -6.75
CA CYS C 236 -52.76 21.07 -8.20
C CYS C 236 -52.27 22.40 -8.79
N GLU C 237 -52.35 23.50 -8.03
CA GLU C 237 -51.84 24.81 -8.45
C GLU C 237 -50.47 25.11 -7.88
N LYS C 238 -50.22 24.65 -6.65
CA LYS C 238 -48.93 24.84 -5.95
C LYS C 238 -47.84 23.91 -6.50
N TYR C 239 -48.17 22.64 -6.66
CA TYR C 239 -47.28 21.63 -7.24
C TYR C 239 -47.73 21.20 -8.63
N ASN C 240 -46.86 20.46 -9.31
CA ASN C 240 -47.17 19.86 -10.61
C ASN C 240 -48.11 18.66 -10.43
N LEU C 241 -49.43 18.91 -10.39
CA LEU C 241 -50.40 17.83 -10.21
C LEU C 241 -51.71 18.04 -10.97
N LYS C 242 -52.41 16.93 -11.19
CA LYS C 242 -53.72 16.89 -11.83
C LYS C 242 -54.56 15.87 -11.06
N ASP C 243 -55.89 16.00 -11.13
CA ASP C 243 -56.81 15.14 -10.34
C ASP C 243 -56.84 13.69 -10.79
N GLU C 244 -56.41 13.43 -12.03
CA GLU C 244 -56.26 12.07 -12.54
C GLU C 244 -55.13 11.30 -11.82
N PHE C 245 -54.15 11.99 -11.27
CA PHE C 245 -53.06 11.33 -10.54
C PHE C 245 -53.49 10.85 -9.14
N LEU C 246 -54.50 11.50 -8.56
CA LEU C 246 -54.79 11.39 -7.13
C LEU C 246 -55.83 10.33 -6.73
N HIS C 247 -56.14 9.36 -7.60
CA HIS C 247 -57.16 8.33 -7.29
C HIS C 247 -56.68 6.88 -7.42
N ASN C 248 -55.36 6.68 -7.31
CA ASN C 248 -54.77 5.33 -7.39
C ASN C 248 -55.23 4.50 -6.19
N GLU C 249 -55.44 3.22 -6.42
CA GLU C 249 -55.97 2.32 -5.40
C GLU C 249 -54.89 1.46 -4.81
N SER C 250 -54.94 1.34 -3.48
CA SER C 250 -53.98 0.60 -2.69
C SER C 250 -54.55 -0.75 -2.28
N PHE C 251 -54.00 -1.82 -2.84
CA PHE C 251 -54.38 -3.17 -2.45
C PHE C 251 -54.05 -3.34 -0.97
N SER C 252 -55.05 -3.68 -0.16
CA SER C 252 -54.87 -3.83 1.27
C SER C 252 -54.18 -5.15 1.60
N CYS C 253 -52.98 -5.09 2.19
CA CYS C 253 -52.17 -6.29 2.45
C CYS C 253 -52.39 -6.95 3.83
N ILE C 254 -53.04 -6.26 4.77
CA ILE C 254 -53.23 -6.78 6.15
C ILE C 254 -54.70 -6.86 6.58
N GLN C 255 -55.10 -8.02 7.10
CA GLN C 255 -56.44 -8.26 7.64
C GLN C 255 -56.37 -8.41 9.17
N LEU C 256 -57.31 -7.79 9.88
CA LEU C 256 -57.48 -7.98 11.33
C LEU C 256 -58.70 -8.89 11.62
N PRO C 257 -58.79 -9.51 12.84
CA PRO C 257 -59.77 -10.59 13.09
C PRO C 257 -61.25 -10.26 12.89
N ASP C 258 -61.75 -9.23 13.57
CA ASP C 258 -63.16 -8.81 13.45
C ASP C 258 -63.36 -7.59 12.53
N ILE C 259 -62.25 -6.97 12.11
CA ILE C 259 -62.26 -5.71 11.36
C ILE C 259 -62.25 -5.97 9.84
N GLY C 260 -61.44 -6.93 9.41
CA GLY C 260 -61.17 -7.16 7.98
C GLY C 260 -59.97 -6.33 7.52
N ASP C 261 -60.05 -5.82 6.28
CA ASP C 261 -58.93 -5.13 5.62
C ASP C 261 -59.21 -3.63 5.49
N ASN C 262 -58.27 -2.89 4.90
CA ASN C 262 -58.29 -1.42 4.88
C ASN C 262 -58.37 -0.84 6.31
N THR C 263 -57.45 -1.29 7.15
CA THR C 263 -57.42 -0.88 8.55
C THR C 263 -57.10 0.60 8.71
N GLY C 264 -56.27 1.13 7.82
CA GLY C 264 -55.96 2.56 7.80
C GLY C 264 -57.19 3.42 7.64
N LYS C 265 -58.13 2.99 6.79
CA LYS C 265 -59.44 3.64 6.66
C LYS C 265 -60.22 3.48 7.97
N TYR C 266 -60.47 2.23 8.35
CA TYR C 266 -61.29 1.88 9.51
C TYR C 266 -60.90 2.65 10.79
N PHE C 267 -59.60 2.68 11.13
CA PHE C 267 -59.10 3.39 12.32
C PHE C 267 -59.16 4.91 12.19
N TYR C 268 -59.02 5.42 10.97
CA TYR C 268 -59.06 6.88 10.72
C TYR C 268 -60.46 7.45 10.95
N GLU C 269 -61.48 6.68 10.55
CA GLU C 269 -62.88 7.01 10.80
C GLU C 269 -63.22 6.82 12.28
N MET C 270 -62.86 5.66 12.84
CA MET C 270 -63.19 5.31 14.24
C MET C 270 -62.65 6.27 15.31
N GLU C 271 -61.52 6.92 15.03
CA GLU C 271 -60.93 7.91 15.94
C GLU C 271 -61.18 9.37 15.47
N LYS C 272 -62.09 9.52 14.49
CA LYS C 272 -62.51 10.81 13.89
C LYS C 272 -61.38 11.82 13.68
N ILE C 273 -60.47 11.47 12.78
CA ILE C 273 -59.30 12.30 12.50
C ILE C 273 -59.69 13.30 11.42
N SER C 274 -59.38 14.57 11.67
CA SER C 274 -59.72 15.65 10.76
C SER C 274 -58.69 15.77 9.65
N SER C 275 -57.42 15.96 10.05
CA SER C 275 -56.29 16.26 9.17
C SER C 275 -55.17 15.24 9.42
N TYR C 276 -54.18 15.18 8.52
CA TYR C 276 -52.99 14.34 8.75
C TYR C 276 -52.00 14.96 9.75
N LYS C 277 -52.16 16.26 10.03
CA LYS C 277 -51.40 16.97 11.07
C LYS C 277 -52.05 16.84 12.47
N ASP C 278 -53.35 16.56 12.52
CA ASP C 278 -54.09 16.21 13.75
C ASP C 278 -53.21 15.44 14.74
N ALA C 279 -53.03 16.01 15.94
CA ALA C 279 -52.13 15.44 16.96
C ALA C 279 -52.63 14.13 17.59
N LYS C 280 -53.93 13.82 17.48
CA LYS C 280 -54.45 12.52 17.93
C LYS C 280 -53.86 11.35 17.12
N LEU C 281 -53.70 11.56 15.81
CA LEU C 281 -53.23 10.52 14.87
C LEU C 281 -51.90 9.86 15.25
N GLN C 282 -51.03 10.62 15.91
CA GLN C 282 -49.74 10.13 16.40
C GLN C 282 -49.86 8.85 17.26
N LYS C 283 -50.91 8.76 18.08
CA LYS C 283 -51.17 7.56 18.89
C LYS C 283 -51.96 6.45 18.16
N VAL C 284 -52.71 6.82 17.13
CA VAL C 284 -53.50 5.86 16.34
C VAL C 284 -52.59 4.96 15.52
N LYS C 285 -51.48 5.52 15.02
CA LYS C 285 -50.48 4.74 14.30
C LYS C 285 -49.87 3.69 15.21
N GLU C 286 -49.56 4.10 16.45
CA GLU C 286 -48.95 3.23 17.45
C GLU C 286 -49.80 2.00 17.74
N THR C 287 -51.10 2.20 17.91
CA THR C 287 -52.05 1.10 18.13
C THR C 287 -52.12 0.23 16.87
N LEU C 288 -52.25 0.89 15.72
CA LEU C 288 -52.39 0.20 14.43
C LEU C 288 -51.16 -0.61 14.03
N TYR C 289 -49.97 -0.07 14.30
CA TYR C 289 -48.74 -0.81 14.02
C TYR C 289 -48.73 -2.11 14.79
N LYS C 290 -49.05 -2.04 16.09
CA LYS C 290 -49.00 -3.21 16.99
C LYS C 290 -50.17 -4.17 16.77
N LYS C 291 -51.34 -3.64 16.45
CA LYS C 291 -52.50 -4.47 16.11
C LYS C 291 -52.20 -5.31 14.86
N GLN C 292 -51.57 -4.71 13.85
CA GLN C 292 -51.12 -5.46 12.66
C GLN C 292 -49.98 -6.44 12.99
N TYR C 293 -48.96 -5.97 13.71
CA TYR C 293 -47.80 -6.83 13.96
C TYR C 293 -48.14 -8.16 14.60
N PHE C 294 -49.04 -8.13 15.59
CA PHE C 294 -49.41 -9.30 16.40
C PHE C 294 -50.74 -9.96 15.97
N GLU C 295 -51.78 -9.15 15.78
CA GLU C 295 -53.12 -9.67 15.39
C GLU C 295 -53.37 -9.68 13.86
N GLY C 296 -52.44 -9.16 13.07
CA GLY C 296 -52.61 -9.11 11.63
C GLY C 296 -52.29 -10.44 10.96
N THR C 297 -52.94 -10.69 9.82
CA THR C 297 -52.57 -11.77 8.90
C THR C 297 -52.54 -11.20 7.47
N MET C 298 -51.67 -11.76 6.63
CA MET C 298 -51.43 -11.22 5.28
C MET C 298 -52.55 -11.62 4.33
N THR C 299 -52.98 -10.68 3.49
CA THR C 299 -53.97 -10.94 2.44
C THR C 299 -53.34 -11.17 1.07
N VAL C 300 -52.02 -11.06 0.95
CA VAL C 300 -51.34 -11.03 -0.36
C VAL C 300 -50.63 -12.34 -0.64
N GLU C 301 -50.74 -12.82 -1.87
CA GLU C 301 -50.09 -14.06 -2.25
C GLU C 301 -48.60 -13.80 -2.47
N PRO C 302 -47.68 -14.69 -2.06
CA PRO C 302 -47.96 -16.03 -1.54
C PRO C 302 -47.90 -16.14 -0.02
N TYR C 303 -48.33 -15.11 0.68
CA TYR C 303 -48.24 -15.07 2.14
C TYR C 303 -49.62 -15.14 2.78
N LYS C 304 -50.66 -15.40 1.99
CA LYS C 304 -52.04 -15.37 2.47
C LYS C 304 -52.19 -16.10 3.79
N GLY C 305 -52.83 -15.43 4.76
CA GLY C 305 -53.04 -15.97 6.10
C GLY C 305 -51.85 -15.88 7.06
N MET C 306 -50.65 -15.69 6.54
CA MET C 306 -49.40 -15.80 7.32
C MET C 306 -49.25 -14.64 8.28
N LYS C 307 -48.50 -14.88 9.36
CA LYS C 307 -48.26 -13.86 10.38
C LYS C 307 -47.35 -12.77 9.82
N ILE C 308 -47.56 -11.54 10.32
CA ILE C 308 -46.89 -10.35 9.77
C ILE C 308 -45.36 -10.36 9.95
N TYR C 309 -44.90 -10.89 11.08
CA TYR C 309 -43.47 -10.97 11.32
C TYR C 309 -42.80 -11.95 10.36
N ASN C 310 -43.47 -13.05 10.04
CA ASN C 310 -42.92 -14.09 9.15
C ASN C 310 -42.91 -13.69 7.67
N CYS C 311 -43.96 -12.99 7.24
CA CYS C 311 -43.98 -12.42 5.89
C CYS C 311 -42.84 -11.38 5.73
N ARG C 312 -42.84 -10.37 6.61
CA ARG C 312 -41.79 -9.35 6.70
C ARG C 312 -40.37 -9.92 6.56
N LYS C 313 -40.09 -11.00 7.27
CA LYS C 313 -38.78 -11.65 7.15
C LYS C 313 -38.51 -12.12 5.73
N LEU C 314 -39.46 -12.86 5.18
CA LEU C 314 -39.37 -13.42 3.82
C LEU C 314 -39.27 -12.33 2.75
N VAL C 315 -40.09 -11.29 2.89
CA VAL C 315 -40.11 -10.14 1.95
C VAL C 315 -38.81 -9.35 1.98
N LYS C 316 -38.32 -9.06 3.18
CA LYS C 316 -37.04 -8.38 3.33
C LYS C 316 -35.93 -9.20 2.73
N GLN C 317 -35.97 -10.50 3.00
CA GLN C 317 -34.97 -11.42 2.50
C GLN C 317 -34.95 -11.43 0.98
N TYR C 318 -36.15 -11.43 0.37
CA TYR C 318 -36.26 -11.37 -1.09
C TYR C 318 -35.70 -10.04 -1.63
N ILE C 319 -36.11 -8.94 -1.01
CA ILE C 319 -35.62 -7.60 -1.38
C ILE C 319 -34.07 -7.51 -1.40
N ILE C 320 -33.43 -7.99 -0.33
CA ILE C 320 -31.97 -7.94 -0.20
C ILE C 320 -31.30 -8.80 -1.25
N LYS C 321 -31.76 -10.03 -1.40
CA LYS C 321 -31.11 -11.00 -2.29
C LYS C 321 -31.26 -10.67 -3.78
N ASN C 322 -32.37 -10.04 -4.16
CA ASN C 322 -32.61 -9.67 -5.57
C ASN C 322 -32.36 -8.20 -5.88
N ASN C 323 -31.63 -7.52 -5.00
CA ASN C 323 -31.16 -6.16 -5.22
C ASN C 323 -32.26 -5.16 -5.54
N GLU C 324 -33.36 -5.27 -4.82
CA GLU C 324 -34.46 -4.30 -4.90
C GLU C 324 -34.43 -3.32 -3.74
N GLY C 325 -33.31 -3.26 -3.02
CA GLY C 325 -33.24 -2.48 -1.80
C GLY C 325 -32.10 -2.79 -0.85
N PHE C 326 -32.20 -2.25 0.36
CA PHE C 326 -31.10 -2.25 1.31
C PHE C 326 -31.63 -2.28 2.71
N LEU C 327 -30.81 -2.83 3.62
CA LEU C 327 -31.07 -2.71 5.07
C LEU C 327 -30.39 -1.46 5.56
N TYR C 328 -31.05 -0.79 6.50
CA TYR C 328 -30.59 0.50 6.96
C TYR C 328 -30.84 0.69 8.46
N SER C 329 -29.76 0.93 9.20
CA SER C 329 -29.83 1.31 10.64
C SER C 329 -29.12 2.61 10.93
N GLU C 330 -29.44 3.18 12.07
CA GLU C 330 -28.74 4.36 12.57
C GLU C 330 -28.77 4.47 14.10
N LEU D 21 -4.16 12.91 -34.69
CA LEU D 21 -3.42 12.31 -33.53
C LEU D 21 -1.99 12.84 -33.45
N TYR D 22 -1.67 13.50 -32.34
CA TYR D 22 -0.36 14.10 -32.12
C TYR D 22 0.42 13.30 -31.07
N PHE D 23 1.74 13.45 -31.08
CA PHE D 23 2.64 12.75 -30.17
C PHE D 23 3.83 13.67 -29.92
N GLN D 24 4.03 14.03 -28.66
CA GLN D 24 5.09 14.96 -28.25
C GLN D 24 5.00 16.34 -28.95
N GLY D 25 3.80 16.72 -29.41
CA GLY D 25 3.61 17.95 -30.16
C GLY D 25 3.63 17.85 -31.68
N ALA D 26 4.20 16.78 -32.22
CA ALA D 26 4.24 16.54 -33.66
C ALA D 26 3.06 15.68 -34.09
N MET D 27 2.67 15.79 -35.36
CA MET D 27 1.65 14.92 -35.96
C MET D 27 2.20 13.51 -36.17
N GLY D 28 1.45 12.51 -35.70
CA GLY D 28 1.98 11.15 -35.59
C GLY D 28 1.95 10.33 -36.85
N LYS D 29 1.01 10.63 -37.75
CA LYS D 29 0.50 9.61 -38.69
C LYS D 29 1.48 9.04 -39.73
N CYS D 30 2.47 9.81 -40.19
CA CYS D 30 3.46 9.30 -41.19
C CYS D 30 4.91 9.37 -40.70
N GLN D 31 5.05 9.51 -39.39
CA GLN D 31 6.32 9.87 -38.79
C GLN D 31 7.16 8.62 -38.62
N GLU D 32 8.49 8.76 -38.74
CA GLU D 32 9.40 7.68 -38.38
C GLU D 32 9.71 7.87 -36.88
N PHE D 33 9.25 6.93 -36.04
CA PHE D 33 9.58 6.96 -34.62
C PHE D 33 10.92 6.30 -34.42
N THR D 34 11.60 6.67 -33.33
CA THR D 34 12.80 6.01 -32.90
C THR D 34 12.42 5.23 -31.66
N LEU D 35 12.71 3.93 -31.66
CA LEU D 35 12.46 3.07 -30.50
C LEU D 35 13.75 2.92 -29.75
N ILE D 36 13.72 3.12 -28.44
CA ILE D 36 14.92 3.10 -27.60
C ILE D 36 14.78 1.97 -26.61
N LYS D 37 15.86 1.23 -26.44
CA LYS D 37 15.85 0.07 -25.57
C LYS D 37 15.98 0.54 -24.13
N ILE D 38 14.99 0.21 -23.32
CA ILE D 38 15.01 0.57 -21.91
C ILE D 38 15.08 -0.71 -21.13
N TYR D 39 16.18 -0.89 -20.41
CA TYR D 39 16.48 -2.18 -19.82
C TYR D 39 15.87 -2.26 -18.45
N VAL D 40 15.36 -3.45 -18.10
CA VAL D 40 15.03 -3.76 -16.72
C VAL D 40 16.32 -4.02 -15.95
N HIS D 41 16.48 -3.34 -14.82
CA HIS D 41 17.72 -3.45 -14.04
C HIS D 41 17.92 -4.84 -13.41
N ASP D 42 16.92 -5.30 -12.65
CA ASP D 42 16.91 -6.64 -12.03
C ASP D 42 15.77 -7.54 -12.58
N TYR D 43 16.17 -8.57 -13.34
CA TYR D 43 15.25 -9.54 -13.94
C TYR D 43 14.36 -10.30 -12.93
N LYS D 44 14.78 -10.39 -11.66
CA LYS D 44 13.99 -11.01 -10.59
C LYS D 44 12.81 -10.15 -10.13
N GLU D 45 12.97 -8.83 -10.13
CA GLU D 45 11.85 -7.93 -9.92
C GLU D 45 10.81 -8.15 -11.03
N PHE D 46 11.29 -8.35 -12.26
CA PHE D 46 10.37 -8.61 -13.36
C PHE D 46 9.73 -9.99 -13.23
N TYR D 47 10.49 -10.98 -12.81
CA TYR D 47 9.98 -12.32 -12.64
C TYR D 47 8.92 -12.36 -11.56
N GLU D 48 9.08 -11.56 -10.51
CA GLU D 48 8.05 -11.50 -9.48
C GLU D 48 6.75 -10.94 -10.02
N ILE D 49 6.85 -10.00 -10.97
CA ILE D 49 5.68 -9.42 -11.63
C ILE D 49 5.03 -10.50 -12.50
N TYR D 50 5.86 -11.20 -13.29
CA TYR D 50 5.40 -12.32 -14.10
C TYR D 50 4.69 -13.39 -13.30
N LEU D 51 5.30 -13.83 -12.20
CA LEU D 51 4.71 -14.84 -11.30
C LEU D 51 3.39 -14.39 -10.77
N ARG D 52 3.35 -13.20 -10.22
CA ARG D 52 2.10 -12.65 -9.67
C ARG D 52 0.96 -12.53 -10.70
N ASN D 53 1.30 -12.26 -11.97
CA ASN D 53 0.31 -12.13 -13.02
C ASN D 53 0.11 -13.40 -13.85
N LYS D 54 0.93 -14.43 -13.61
CA LYS D 54 0.75 -15.76 -14.24
C LYS D 54 -0.58 -16.43 -13.88
N LYS D 55 -1.00 -16.27 -12.62
CA LYS D 55 -2.24 -16.87 -12.11
C LYS D 55 -3.45 -16.35 -12.89
N LEU D 56 -3.53 -15.02 -12.99
CA LEU D 56 -4.58 -14.33 -13.73
C LEU D 56 -4.28 -14.36 -15.25
N GLU D 65 5.47 -23.76 -18.25
CA GLU D 65 6.14 -23.88 -16.95
C GLU D 65 7.67 -23.77 -17.02
N ASN D 66 8.22 -23.90 -18.23
CA ASN D 66 9.65 -23.65 -18.48
C ASN D 66 9.97 -22.16 -18.76
N VAL D 67 8.95 -21.29 -18.66
CA VAL D 67 9.19 -19.84 -18.59
C VAL D 67 9.53 -19.55 -17.12
N ASN D 68 10.80 -19.78 -16.80
CA ASN D 68 11.35 -19.80 -15.43
C ASN D 68 12.02 -18.52 -15.05
N GLU D 69 12.51 -18.49 -13.83
CA GLU D 69 13.49 -17.51 -13.42
C GLU D 69 14.73 -17.65 -14.30
N ASN D 70 15.24 -18.88 -14.38
CA ASN D 70 16.41 -19.17 -15.20
C ASN D 70 16.29 -18.67 -16.66
N PHE D 71 15.10 -18.76 -17.23
CA PHE D 71 14.81 -18.25 -18.57
C PHE D 71 15.04 -16.74 -18.60
N PHE D 72 14.40 -16.01 -17.70
CA PHE D 72 14.60 -14.55 -17.62
C PHE D 72 16.03 -14.09 -17.28
N SER D 73 16.84 -14.94 -16.65
CA SER D 73 18.24 -14.62 -16.35
C SER D 73 19.15 -14.66 -17.59
N GLN D 74 18.80 -15.49 -18.57
CA GLN D 74 19.59 -15.59 -19.79
C GLN D 74 19.18 -14.56 -20.85
N LYS D 75 18.07 -13.86 -20.62
CA LYS D 75 17.52 -12.94 -21.61
C LYS D 75 17.47 -11.53 -21.06
N LYS D 76 17.80 -10.56 -21.89
CA LYS D 76 17.64 -9.14 -21.53
C LYS D 76 16.17 -8.75 -21.67
N ILE D 77 15.67 -8.05 -20.66
CA ILE D 77 14.28 -7.65 -20.58
C ILE D 77 14.25 -6.15 -20.89
N ILE D 78 13.59 -5.77 -21.98
CA ILE D 78 13.67 -4.43 -22.56
C ILE D 78 12.26 -3.90 -22.86
N LEU D 79 11.96 -2.70 -22.40
CA LEU D 79 10.77 -1.97 -22.82
C LEU D 79 11.19 -1.18 -24.06
N LEU D 80 10.37 -1.21 -25.11
CA LEU D 80 10.70 -0.48 -26.33
C LEU D 80 9.97 0.84 -26.28
N ALA D 81 10.73 1.91 -26.04
CA ALA D 81 10.22 3.26 -25.83
C ALA D 81 10.23 4.07 -27.12
N SER D 82 9.12 4.73 -27.43
CA SER D 82 8.96 5.42 -28.70
C SER D 82 9.18 6.89 -28.49
N THR D 83 9.95 7.50 -29.39
CA THR D 83 10.15 8.94 -29.37
C THR D 83 10.40 9.51 -30.77
N LEU D 84 9.88 10.72 -31.00
CA LEU D 84 10.23 11.55 -32.14
C LEU D 84 11.32 12.55 -31.78
N LYS D 85 11.71 12.61 -30.50
CA LYS D 85 12.77 13.48 -30.01
C LYS D 85 13.94 12.69 -29.43
N PRO D 86 14.56 11.82 -30.22
CA PRO D 86 15.67 11.04 -29.66
C PRO D 86 16.84 11.92 -29.16
N GLU D 87 16.95 13.14 -29.69
CA GLU D 87 17.95 14.11 -29.24
C GLU D 87 17.87 14.44 -27.74
N THR D 88 16.68 14.31 -27.16
CA THR D 88 16.51 14.57 -25.72
C THR D 88 16.72 13.34 -24.80
N ALA D 89 17.27 12.24 -25.33
CA ALA D 89 17.40 10.97 -24.57
C ALA D 89 18.40 11.07 -23.43
N TYR D 90 19.51 11.75 -23.70
CA TYR D 90 20.52 12.03 -22.68
C TYR D 90 19.86 12.60 -21.43
N GLY D 91 18.85 13.42 -21.63
CA GLY D 91 18.08 13.99 -20.55
C GLY D 91 17.00 13.14 -19.93
N GLN D 92 16.93 11.85 -20.26
CA GLN D 92 15.81 11.03 -19.80
C GLN D 92 15.96 10.70 -18.32
N ASN D 93 14.90 10.95 -17.57
CA ASN D 93 14.88 10.65 -16.14
C ASN D 93 13.87 9.58 -15.71
N TYR D 94 12.80 9.37 -16.47
CA TYR D 94 11.82 8.29 -16.23
C TYR D 94 11.33 7.71 -17.56
N THR D 95 10.40 6.76 -17.47
CA THR D 95 9.77 6.12 -18.60
C THR D 95 8.29 6.01 -18.28
N PHE D 96 7.45 6.59 -19.13
CA PHE D 96 6.01 6.59 -18.87
C PHE D 96 5.33 5.42 -19.55
N VAL D 97 4.31 4.90 -18.87
CA VAL D 97 3.38 3.93 -19.45
C VAL D 97 1.97 4.33 -19.05
N ASN D 98 0.98 3.81 -19.74
CA ASN D 98 -0.40 4.04 -19.36
C ASN D 98 -0.81 3.00 -18.32
N PRO D 99 -1.07 3.43 -17.08
CA PRO D 99 -1.34 2.46 -16.01
C PRO D 99 -2.60 1.62 -16.20
N GLY D 100 -3.63 2.23 -16.77
CA GLY D 100 -4.90 1.52 -17.01
C GLY D 100 -4.97 0.59 -18.22
N GLU D 101 -3.94 0.60 -19.06
CA GLU D 101 -3.97 -0.12 -20.33
C GLU D 101 -2.99 -1.31 -20.40
N TYR D 102 -3.24 -2.20 -21.33
CA TYR D 102 -2.46 -3.43 -21.47
C TYR D 102 -1.19 -3.24 -22.30
N TYR D 103 -0.13 -3.94 -21.87
CA TYR D 103 1.12 -4.09 -22.62
C TYR D 103 1.43 -5.55 -22.76
N TYR D 104 2.27 -5.88 -23.73
CA TYR D 104 2.48 -7.26 -24.15
C TYR D 104 3.95 -7.63 -24.05
N VAL D 105 4.21 -8.83 -23.57
CA VAL D 105 5.56 -9.26 -23.30
C VAL D 105 5.83 -10.37 -24.30
N THR D 106 6.80 -10.16 -25.18
CA THR D 106 7.07 -11.08 -26.28
C THR D 106 8.58 -11.23 -26.39
N LEU D 107 9.01 -12.05 -27.34
CA LEU D 107 10.43 -12.32 -27.58
C LEU D 107 10.87 -11.71 -28.91
N GLY D 108 12.11 -11.26 -28.99
CA GLY D 108 12.64 -10.60 -30.18
C GLY D 108 14.16 -10.55 -30.29
N PHE D 109 14.63 -10.08 -31.45
CA PHE D 109 16.05 -10.15 -31.82
C PHE D 109 16.72 -8.87 -31.34
N ASN D 110 18.02 -8.94 -31.07
CA ASN D 110 18.80 -7.78 -30.62
C ASN D 110 18.98 -6.77 -31.75
N LYS D 111 19.34 -7.28 -32.94
CA LYS D 111 19.23 -6.46 -34.14
C LYS D 111 18.28 -7.07 -35.15
N GLN D 112 17.52 -6.21 -35.82
CA GLN D 112 16.50 -6.63 -36.77
C GLN D 112 17.08 -7.46 -37.93
N ARG D 113 16.29 -8.42 -38.39
CA ARG D 113 16.64 -9.27 -39.52
C ARG D 113 15.47 -9.31 -40.52
N LEU D 114 15.83 -9.04 -41.77
CA LEU D 114 14.90 -8.60 -42.81
C LEU D 114 14.61 -9.72 -43.81
N HIS D 115 14.18 -10.86 -43.29
CA HIS D 115 13.86 -12.04 -44.10
C HIS D 115 12.53 -11.83 -44.84
N TYR D 116 12.49 -12.16 -46.13
CA TYR D 116 11.25 -12.13 -46.93
C TYR D 116 10.85 -13.54 -47.39
N GLY D 117 11.75 -14.18 -48.15
CA GLY D 117 11.53 -15.54 -48.68
C GLY D 117 10.38 -15.61 -49.67
N ASP D 118 9.28 -16.21 -49.22
CA ASP D 118 8.08 -16.43 -50.06
C ASP D 118 7.33 -15.12 -50.39
N LYS D 119 7.32 -14.15 -49.46
CA LYS D 119 6.39 -12.99 -49.50
C LYS D 119 7.07 -11.66 -49.88
N ASN D 120 6.24 -10.60 -49.95
CA ASN D 120 6.70 -9.21 -50.16
C ASN D 120 6.92 -8.41 -48.85
N TYR D 121 6.16 -8.78 -47.81
CA TYR D 121 6.34 -8.20 -46.45
C TYR D 121 7.32 -9.09 -45.68
N VAL D 122 7.95 -8.51 -44.65
CA VAL D 122 8.96 -9.23 -43.83
C VAL D 122 8.27 -10.23 -42.87
N ASN D 123 8.89 -11.41 -42.73
CA ASN D 123 8.35 -12.48 -41.88
C ASN D 123 9.45 -13.46 -41.46
N ASN D 124 9.61 -13.58 -40.15
CA ASN D 124 10.48 -14.58 -39.57
C ASN D 124 9.56 -15.57 -38.86
N VAL D 125 9.05 -16.51 -39.64
CA VAL D 125 8.09 -17.48 -39.15
C VAL D 125 8.86 -18.59 -38.42
N MET D 126 8.46 -18.84 -37.17
CA MET D 126 9.18 -19.76 -36.29
C MET D 126 8.20 -20.52 -35.39
N THR D 127 8.66 -21.67 -34.88
CA THR D 127 7.92 -22.43 -33.88
C THR D 127 8.22 -21.84 -32.52
N ARG D 128 7.43 -22.23 -31.52
CA ARG D 128 7.67 -21.80 -30.15
C ARG D 128 9.13 -22.06 -29.74
N ASP D 129 9.60 -23.29 -29.95
CA ASP D 129 10.96 -23.67 -29.55
C ASP D 129 12.08 -22.90 -30.29
N GLU D 130 11.86 -22.56 -31.56
CA GLU D 130 12.85 -21.78 -32.34
C GLU D 130 12.99 -20.33 -31.86
N ILE D 131 11.85 -19.72 -31.55
CA ILE D 131 11.78 -18.36 -31.00
C ILE D 131 12.63 -18.28 -29.72
N ILE D 132 12.31 -19.15 -28.75
CA ILE D 132 13.04 -19.22 -27.46
C ILE D 132 14.56 -19.41 -27.62
N ASP D 133 15.00 -20.19 -28.61
CA ASP D 133 16.43 -20.39 -28.87
C ASP D 133 17.07 -19.16 -29.53
N SER D 134 16.51 -18.69 -30.63
CA SER D 134 17.13 -17.60 -31.41
C SER D 134 17.03 -16.21 -30.74
N CYS D 135 15.91 -15.91 -30.08
CA CYS D 135 15.65 -14.58 -29.52
C CYS D 135 16.35 -14.33 -28.18
N GLU D 136 17.25 -13.36 -28.15
CA GLU D 136 18.03 -13.08 -26.96
C GLU D 136 17.37 -12.04 -26.01
N ASN D 137 16.30 -11.38 -26.48
CA ASN D 137 15.65 -10.31 -25.75
C ASN D 137 14.17 -10.54 -25.55
N VAL D 138 13.68 -10.13 -24.38
CA VAL D 138 12.27 -10.08 -24.07
C VAL D 138 11.87 -8.62 -24.28
N TYR D 139 10.97 -8.37 -25.24
CA TYR D 139 10.47 -7.02 -25.46
C TYR D 139 9.12 -6.83 -24.84
N ILE D 140 8.88 -5.62 -24.32
CA ILE D 140 7.60 -5.22 -23.80
C ILE D 140 7.15 -4.06 -24.66
N CYS D 141 5.92 -4.10 -25.15
CA CYS D 141 5.40 -3.04 -26.01
C CYS D 141 3.85 -3.03 -26.10
N SER D 142 3.27 -2.07 -26.81
CA SER D 142 1.80 -2.03 -26.97
C SER D 142 1.32 -3.10 -27.93
N GLU D 143 0.01 -3.37 -27.90
CA GLU D 143 -0.62 -4.24 -28.90
C GLU D 143 -0.44 -3.65 -30.31
N ASN D 144 -0.86 -2.40 -30.47
CA ASN D 144 -0.72 -1.69 -31.73
C ASN D 144 0.65 -1.85 -32.42
N SER D 145 1.72 -1.97 -31.62
CA SER D 145 3.08 -2.09 -32.16
C SER D 145 3.51 -3.48 -32.57
N LEU D 146 2.85 -4.52 -32.07
CA LEU D 146 3.33 -5.90 -32.25
C LEU D 146 3.56 -6.34 -33.69
N TYR D 147 2.53 -6.26 -34.52
CA TYR D 147 2.71 -6.72 -35.91
C TYR D 147 3.57 -5.75 -36.67
N ASN D 148 3.42 -4.44 -36.43
CA ASN D 148 4.34 -3.47 -37.01
C ASN D 148 5.78 -3.88 -36.75
N LEU D 149 6.08 -4.30 -35.51
CA LEU D 149 7.45 -4.78 -35.14
C LEU D 149 7.87 -6.10 -35.83
N ALA D 150 6.89 -6.98 -36.06
CA ALA D 150 7.10 -8.22 -36.82
C ALA D 150 7.46 -7.92 -38.27
N TYR D 151 6.66 -7.06 -38.89
CA TYR D 151 6.90 -6.66 -40.28
C TYR D 151 8.18 -5.82 -40.47
N GLN D 152 8.79 -5.34 -39.39
CA GLN D 152 10.12 -4.68 -39.48
C GLN D 152 11.27 -5.54 -38.95
N GLY D 153 11.01 -6.83 -38.75
CA GLY D 153 12.03 -7.80 -38.37
C GLY D 153 12.54 -7.72 -36.94
N VAL D 154 11.80 -7.10 -36.03
CA VAL D 154 12.25 -7.00 -34.62
C VAL D 154 11.83 -8.21 -33.80
N ILE D 155 10.65 -8.73 -34.10
CA ILE D 155 10.14 -9.94 -33.47
C ILE D 155 9.80 -10.99 -34.54
N PRO D 156 9.91 -12.28 -34.18
CA PRO D 156 9.44 -13.36 -35.05
C PRO D 156 7.92 -13.50 -35.01
N MET D 157 7.41 -14.34 -35.91
CA MET D 157 5.99 -14.72 -35.90
C MET D 157 5.89 -16.18 -35.52
N LEU D 158 4.83 -16.50 -34.77
CA LEU D 158 4.61 -17.85 -34.27
C LEU D 158 3.72 -18.65 -35.24
N SER D 159 4.22 -19.83 -35.67
CA SER D 159 3.42 -20.79 -36.46
C SER D 159 3.64 -22.25 -36.00
N LYS D 160 2.58 -23.04 -36.16
CA LYS D 160 2.55 -24.47 -35.87
C LYS D 160 2.60 -25.28 -37.17
N GLY D 161 2.87 -24.60 -38.30
CA GLY D 161 2.91 -25.23 -39.63
C GLY D 161 1.55 -25.59 -40.21
N SER D 162 0.47 -25.08 -39.63
CA SER D 162 -0.87 -25.55 -39.95
C SER D 162 -1.93 -24.46 -40.01
N SER D 163 -1.53 -23.19 -40.13
CA SER D 163 -2.46 -22.08 -40.36
C SER D 163 -1.85 -21.08 -41.30
N PRO D 164 -2.65 -20.52 -42.22
CA PRO D 164 -2.13 -19.43 -43.03
C PRO D 164 -2.05 -18.12 -42.26
N PHE D 165 -2.88 -17.97 -41.21
CA PHE D 165 -3.01 -16.72 -40.47
C PHE D 165 -1.87 -16.55 -39.47
N SER D 166 -1.65 -15.32 -39.05
CA SER D 166 -0.46 -15.01 -38.27
C SER D 166 -0.71 -15.13 -36.78
N ASP D 167 0.35 -15.47 -36.05
CA ASP D 167 0.33 -15.47 -34.60
C ASP D 167 1.68 -14.97 -34.07
N LEU D 168 1.72 -14.55 -32.81
CA LEU D 168 2.96 -14.11 -32.14
C LEU D 168 3.07 -14.77 -30.78
N LEU D 169 4.30 -15.02 -30.34
CA LEU D 169 4.51 -15.59 -29.02
C LEU D 169 4.41 -14.51 -27.94
N ILE D 170 3.26 -14.43 -27.30
CA ILE D 170 3.05 -13.55 -26.18
C ILE D 170 3.31 -14.33 -24.89
N LEU D 171 4.29 -13.88 -24.11
CA LEU D 171 4.63 -14.50 -22.83
C LEU D 171 3.63 -14.11 -21.76
N MET D 172 3.18 -12.86 -21.79
CA MET D 172 2.11 -12.43 -20.91
C MET D 172 1.50 -11.11 -21.35
N LYS D 173 0.33 -10.84 -20.80
CA LYS D 173 -0.37 -9.58 -20.95
C LYS D 173 -0.48 -8.99 -19.55
N ILE D 174 -0.02 -7.74 -19.35
CA ILE D 174 -0.12 -7.04 -18.05
C ILE D 174 -0.51 -5.57 -18.23
N LYS D 175 -1.18 -5.03 -17.23
CA LYS D 175 -1.50 -3.62 -17.22
C LYS D 175 -0.28 -2.80 -16.79
N GLY D 176 -0.13 -1.63 -17.40
CA GLY D 176 0.97 -0.72 -17.12
C GLY D 176 1.24 -0.52 -15.65
N GLU D 177 0.17 -0.48 -14.84
CA GLU D 177 0.26 -0.37 -13.37
C GLU D 177 1.21 -1.37 -12.74
N GLU D 178 1.22 -2.60 -13.27
CA GLU D 178 2.17 -3.63 -12.82
C GLU D 178 3.62 -3.27 -13.06
N LEU D 179 3.89 -2.52 -14.11
CA LEU D 179 5.25 -2.11 -14.41
C LEU D 179 5.72 -0.88 -13.64
N VAL D 180 4.78 -0.08 -13.14
CA VAL D 180 5.12 1.17 -12.46
C VAL D 180 6.01 0.84 -11.26
N GLY D 181 7.12 1.55 -11.13
CA GLY D 181 8.11 1.27 -10.09
C GLY D 181 9.30 0.41 -10.49
N LEU D 182 9.25 -0.28 -11.63
CA LEU D 182 10.41 -1.04 -12.08
C LEU D 182 11.60 -0.14 -12.31
N ARG D 183 12.72 -0.54 -11.73
CA ARG D 183 13.97 0.15 -11.92
C ARG D 183 14.45 -0.20 -13.32
N THR D 184 14.86 0.82 -14.05
CA THR D 184 15.22 0.70 -15.47
C THR D 184 16.32 1.67 -15.85
N TYR D 185 16.94 1.41 -17.00
CA TYR D 185 17.91 2.34 -17.56
C TYR D 185 17.97 2.24 -19.08
N SER D 186 18.55 3.26 -19.70
CA SER D 186 18.87 3.25 -21.11
C SER D 186 20.38 3.32 -21.23
N ASN D 187 20.97 2.91 -22.34
CA ASN D 187 22.39 3.19 -22.56
C ASN D 187 22.68 4.51 -23.25
N LEU D 188 21.69 5.40 -23.25
CA LEU D 188 21.81 6.73 -23.81
C LEU D 188 21.66 7.82 -22.78
N SER D 189 21.04 7.54 -21.64
CA SER D 189 20.74 8.57 -20.64
C SER D 189 21.95 9.01 -19.81
N GLU D 190 21.77 10.11 -19.09
CA GLU D 190 22.81 10.64 -18.22
C GLU D 190 22.90 9.77 -16.98
N LYS D 191 21.80 9.68 -16.24
CA LYS D 191 21.74 8.85 -15.03
C LYS D 191 21.14 7.50 -15.36
N LYS D 192 21.46 6.49 -14.54
CA LYS D 192 21.03 5.12 -14.80
C LYS D 192 20.07 4.54 -13.76
N ASP D 193 19.46 5.42 -12.96
CA ASP D 193 18.36 5.04 -12.07
C ASP D 193 17.13 5.72 -12.62
N LEU D 194 16.48 5.07 -13.57
CA LEU D 194 15.21 5.54 -14.14
C LEU D 194 14.14 4.61 -13.62
N TYR D 195 12.92 5.12 -13.41
CA TYR D 195 11.78 4.30 -12.98
C TYR D 195 10.60 4.51 -13.92
N ILE D 196 9.70 3.54 -13.91
CA ILE D 196 8.51 3.58 -14.72
C ILE D 196 7.42 4.32 -13.94
N LEU D 197 6.85 5.34 -14.59
CA LEU D 197 5.78 6.16 -14.00
C LEU D 197 4.51 6.10 -14.82
N PRO D 198 3.37 6.45 -14.21
CA PRO D 198 2.15 6.38 -14.96
C PRO D 198 1.87 7.70 -15.65
N MET D 199 1.56 7.64 -16.94
CA MET D 199 1.00 8.77 -17.65
C MET D 199 -0.26 8.28 -18.36
N THR D 200 -1.41 8.77 -17.88
CA THR D 200 -2.71 8.39 -18.43
C THR D 200 -3.00 9.02 -19.81
N THR D 201 -2.33 10.11 -20.16
CA THR D 201 -2.54 10.74 -21.47
C THR D 201 -1.91 9.96 -22.64
N ILE D 202 -1.11 8.92 -22.35
CA ILE D 202 -0.51 8.10 -23.41
C ILE D 202 -1.59 7.40 -24.23
N LYS D 203 -1.47 7.56 -25.53
CA LYS D 203 -2.39 6.98 -26.50
C LYS D 203 -1.85 5.61 -26.83
N MET D 204 -2.73 4.60 -26.73
CA MET D 204 -2.37 3.21 -27.03
C MET D 204 -2.23 2.87 -28.53
N ASN D 205 -2.64 3.79 -29.40
CA ASN D 205 -2.59 3.58 -30.84
C ASN D 205 -1.45 4.34 -31.53
N ILE D 206 -0.49 4.86 -30.74
CA ILE D 206 0.70 5.49 -31.30
C ILE D 206 1.94 4.69 -30.88
N ALA D 207 2.58 4.06 -31.85
CA ALA D 207 3.81 3.30 -31.64
C ALA D 207 3.73 2.34 -30.39
N THR D 208 4.77 2.23 -29.58
CA THR D 208 4.79 1.25 -28.47
C THR D 208 3.95 1.61 -27.26
N ALA D 209 3.45 2.85 -27.20
CA ALA D 209 2.78 3.38 -26.02
C ALA D 209 3.64 3.36 -24.74
N ILE D 210 4.97 3.31 -24.92
CA ILE D 210 5.95 3.50 -23.84
C ILE D 210 6.83 4.63 -24.32
N VAL D 211 7.03 5.64 -23.49
CA VAL D 211 7.61 6.89 -23.94
C VAL D 211 8.62 7.40 -22.94
N PRO D 212 9.80 7.83 -23.42
CA PRO D 212 10.76 8.46 -22.50
C PRO D 212 10.21 9.74 -21.85
N CYS D 213 10.46 9.89 -20.57
CA CYS D 213 10.16 11.11 -19.83
C CYS D 213 11.44 11.88 -19.82
N VAL D 214 11.41 13.10 -20.35
CA VAL D 214 12.53 14.02 -20.32
C VAL D 214 11.96 15.34 -19.82
N SER D 215 11.82 15.46 -18.50
CA SER D 215 11.08 16.57 -17.90
C SER D 215 11.67 17.97 -18.17
N SER D 216 12.95 18.03 -18.54
CA SER D 216 13.61 19.29 -18.87
C SER D 216 13.26 19.86 -20.25
N ASP D 217 12.86 19.00 -21.19
CA ASP D 217 12.68 19.41 -22.59
C ASP D 217 11.27 19.17 -23.11
N SER D 218 10.35 18.78 -22.23
CA SER D 218 8.97 18.49 -22.62
C SER D 218 7.99 18.96 -21.54
N ALA D 219 7.14 19.92 -21.93
CA ALA D 219 6.15 20.49 -21.04
C ALA D 219 5.14 19.46 -20.57
N ASP D 220 4.82 18.49 -21.43
CA ASP D 220 3.95 17.37 -21.03
C ASP D 220 4.62 16.57 -19.93
N ASP D 221 5.90 16.26 -20.13
CA ASP D 221 6.67 15.46 -19.19
C ASP D 221 6.83 16.19 -17.85
N TYR D 222 7.26 17.44 -17.90
CA TYR D 222 7.34 18.27 -16.69
C TYR D 222 6.02 18.25 -15.94
N ALA D 223 4.92 18.45 -16.66
CA ALA D 223 3.57 18.50 -16.08
C ALA D 223 3.12 17.21 -15.42
N CYS D 224 3.54 16.08 -15.95
CA CYS D 224 3.20 14.80 -15.33
C CYS D 224 4.01 14.60 -14.06
N LEU D 225 5.28 14.98 -14.12
CA LEU D 225 6.19 14.80 -13.01
C LEU D 225 5.80 15.69 -11.81
N GLN D 226 5.42 16.94 -12.11
CA GLN D 226 4.86 17.88 -11.10
C GLN D 226 3.63 17.29 -10.40
N ASP D 227 2.66 16.84 -11.17
CA ASP D 227 1.46 16.18 -10.64
C ASP D 227 1.73 14.89 -9.84
N ILE D 228 2.85 14.22 -10.11
CA ILE D 228 3.25 13.04 -9.33
C ILE D 228 3.94 13.49 -8.05
N ARG D 229 4.87 14.44 -8.17
CA ARG D 229 5.57 15.03 -7.01
C ARG D 229 4.59 15.67 -5.99
N ARG D 230 3.81 16.67 -6.42
CA ARG D 230 2.72 17.25 -5.61
C ARG D 230 1.82 16.20 -4.95
N LYS D 231 1.38 15.21 -5.73
CA LYS D 231 0.39 14.22 -5.27
C LYS D 231 1.00 12.86 -4.89
N GLN D 232 2.29 12.88 -4.51
CA GLN D 232 3.05 11.72 -4.00
C GLN D 232 2.29 10.71 -3.12
N ALA D 233 1.52 11.23 -2.16
CA ALA D 233 0.80 10.40 -1.20
C ALA D 233 -0.11 9.40 -1.89
N TYR D 234 -0.88 9.89 -2.86
CA TYR D 234 -1.76 9.05 -3.68
C TYR D 234 -0.97 7.98 -4.43
N TYR D 235 0.08 8.42 -5.11
CA TYR D 235 0.86 7.58 -6.00
C TYR D 235 1.64 6.42 -5.33
N CYS D 236 2.04 6.59 -4.07
CA CYS D 236 2.76 5.52 -3.33
C CYS D 236 1.85 4.55 -2.55
N GLU D 237 0.62 4.98 -2.25
CA GLU D 237 -0.41 4.06 -1.71
C GLU D 237 -1.16 3.27 -2.81
N LYS D 238 -0.97 3.65 -4.08
CA LYS D 238 -1.61 2.99 -5.22
C LYS D 238 -0.66 2.14 -6.07
N TYR D 239 0.55 2.66 -6.31
CA TYR D 239 1.61 1.91 -7.03
C TYR D 239 2.83 1.64 -6.14
N ASN D 240 3.65 0.69 -6.56
CA ASN D 240 4.92 0.44 -5.89
C ASN D 240 5.90 1.57 -6.20
N LEU D 241 5.74 2.67 -5.47
CA LEU D 241 6.59 3.86 -5.61
C LEU D 241 7.00 4.38 -4.24
N LYS D 242 8.07 5.18 -4.20
CA LYS D 242 8.61 5.79 -2.97
C LYS D 242 9.10 7.20 -3.24
N ASP D 243 8.79 8.15 -2.35
CA ASP D 243 9.31 9.54 -2.43
C ASP D 243 10.73 9.62 -2.98
N GLU D 244 11.63 8.80 -2.43
CA GLU D 244 13.04 8.88 -2.81
C GLU D 244 13.31 8.66 -4.32
N PHE D 245 12.41 7.97 -5.03
CA PHE D 245 12.51 7.79 -6.49
C PHE D 245 11.93 8.94 -7.35
N LEU D 246 11.12 9.82 -6.78
CA LEU D 246 10.28 10.75 -7.56
C LEU D 246 10.89 12.11 -7.86
N HIS D 247 12.19 12.29 -7.63
CA HIS D 247 12.83 13.62 -7.69
C HIS D 247 14.15 13.63 -8.48
N ASN D 248 14.25 12.78 -9.51
CA ASN D 248 15.48 12.69 -10.34
C ASN D 248 15.62 13.91 -11.25
N GLU D 249 16.85 14.38 -11.38
CA GLU D 249 17.21 15.47 -12.30
C GLU D 249 16.98 15.02 -13.74
N SER D 250 16.58 15.95 -14.60
CA SER D 250 16.63 15.76 -16.05
C SER D 250 17.60 16.75 -16.69
N PHE D 251 18.70 16.25 -17.27
CA PHE D 251 19.62 17.10 -18.05
C PHE D 251 18.88 17.75 -19.24
N SER D 252 18.93 19.08 -19.33
CA SER D 252 18.25 19.83 -20.38
C SER D 252 19.06 19.85 -21.67
N CYS D 253 18.57 19.11 -22.67
CA CYS D 253 19.29 18.94 -23.95
C CYS D 253 19.02 20.05 -24.95
N ILE D 254 17.95 20.81 -24.74
CA ILE D 254 17.51 21.81 -25.69
C ILE D 254 17.43 23.23 -25.12
N GLN D 255 18.12 24.11 -25.85
CA GLN D 255 18.28 25.54 -25.62
C GLN D 255 17.42 26.33 -26.61
N LEU D 256 16.80 27.41 -26.15
CA LEU D 256 16.08 28.35 -27.03
C LEU D 256 16.83 29.71 -27.07
N PRO D 257 16.52 30.57 -28.06
CA PRO D 257 17.49 31.61 -28.42
C PRO D 257 17.67 32.73 -27.38
N ASP D 258 16.59 33.11 -26.69
CA ASP D 258 16.66 34.01 -25.51
C ASP D 258 16.06 33.41 -24.23
N ILE D 259 15.29 32.33 -24.37
CA ILE D 259 14.55 31.76 -23.25
C ILE D 259 15.43 30.84 -22.38
N GLY D 260 16.57 30.40 -22.91
CA GLY D 260 17.52 29.52 -22.19
C GLY D 260 17.20 28.04 -22.37
N ASP D 261 17.68 27.22 -21.43
CA ASP D 261 17.39 25.77 -21.42
C ASP D 261 16.16 25.51 -20.52
N ASN D 262 15.92 24.24 -20.16
CA ASN D 262 14.77 23.81 -19.34
C ASN D 262 13.44 24.33 -19.87
N THR D 263 13.25 24.13 -21.16
CA THR D 263 12.18 24.76 -21.91
C THR D 263 10.80 24.22 -21.55
N GLY D 264 10.75 22.96 -21.11
CA GLY D 264 9.51 22.36 -20.64
C GLY D 264 8.97 23.09 -19.43
N LYS D 265 9.88 23.47 -18.54
CA LYS D 265 9.55 24.24 -17.33
C LYS D 265 8.96 25.59 -17.73
N TYR D 266 9.74 26.40 -18.46
CA TYR D 266 9.33 27.77 -18.78
C TYR D 266 7.92 27.87 -19.39
N PHE D 267 7.64 27.02 -20.37
CA PHE D 267 6.32 27.01 -21.03
C PHE D 267 5.21 26.47 -20.12
N TYR D 268 5.56 25.59 -19.17
CA TYR D 268 4.58 25.12 -18.18
C TYR D 268 4.03 26.28 -17.35
N GLU D 269 4.95 27.07 -16.78
CA GLU D 269 4.60 28.21 -15.92
C GLU D 269 3.94 29.36 -16.68
N MET D 270 4.46 29.67 -17.88
CA MET D 270 3.96 30.79 -18.68
C MET D 270 2.50 30.62 -19.11
N GLU D 271 2.14 29.40 -19.51
CA GLU D 271 0.78 29.08 -19.94
C GLU D 271 -0.12 28.56 -18.80
N LYS D 272 0.42 28.42 -17.59
CA LYS D 272 -0.36 28.16 -16.37
C LYS D 272 -1.30 26.95 -16.50
N ILE D 273 -0.71 25.77 -16.55
CA ILE D 273 -1.47 24.53 -16.75
C ILE D 273 -1.74 23.92 -15.38
N SER D 274 -2.98 23.49 -15.15
CA SER D 274 -3.35 22.80 -13.89
C SER D 274 -2.60 21.49 -13.78
N SER D 275 -2.92 20.59 -14.71
CA SER D 275 -2.51 19.19 -14.67
C SER D 275 -1.93 18.78 -16.04
N TYR D 276 -1.35 17.59 -16.12
CA TYR D 276 -0.99 16.99 -17.41
C TYR D 276 -2.25 16.55 -18.21
N LYS D 277 -3.42 16.52 -17.56
CA LYS D 277 -4.71 16.19 -18.21
C LYS D 277 -5.53 17.43 -18.64
N ASP D 278 -4.95 18.64 -18.53
CA ASP D 278 -5.62 19.87 -18.97
C ASP D 278 -5.69 19.89 -20.50
N ALA D 279 -6.90 20.03 -21.05
CA ALA D 279 -7.12 20.09 -22.50
C ALA D 279 -6.31 21.18 -23.21
N LYS D 280 -5.99 22.25 -22.47
CA LYS D 280 -5.14 23.35 -22.96
C LYS D 280 -3.68 22.95 -23.25
N LEU D 281 -3.19 21.92 -22.55
CA LEU D 281 -1.78 21.50 -22.65
C LEU D 281 -1.34 21.02 -24.04
N GLN D 282 -2.31 20.44 -24.77
CA GLN D 282 -2.12 19.96 -26.15
C GLN D 282 -1.46 21.00 -27.07
N LYS D 283 -2.02 22.21 -27.07
CA LYS D 283 -1.50 23.34 -27.87
C LYS D 283 -0.05 23.72 -27.52
N VAL D 284 0.30 23.59 -26.24
CA VAL D 284 1.63 23.95 -25.74
C VAL D 284 2.68 22.97 -26.26
N LYS D 285 2.35 21.68 -26.28
CA LYS D 285 3.25 20.64 -26.78
C LYS D 285 3.53 20.91 -28.24
N GLU D 286 2.46 21.10 -29.01
CA GLU D 286 2.54 21.42 -30.43
C GLU D 286 3.49 22.59 -30.66
N THR D 287 3.24 23.67 -29.93
CA THR D 287 4.07 24.87 -30.00
C THR D 287 5.55 24.56 -29.71
N LEU D 288 5.78 23.91 -28.57
CA LEU D 288 7.14 23.58 -28.12
C LEU D 288 7.87 22.65 -29.08
N TYR D 289 7.18 21.66 -29.65
CA TYR D 289 7.80 20.80 -30.67
C TYR D 289 8.34 21.64 -31.82
N LYS D 290 7.49 22.51 -32.40
CA LYS D 290 7.90 23.32 -33.57
C LYS D 290 9.00 24.27 -33.14
N LYS D 291 8.75 24.97 -32.04
CA LYS D 291 9.69 26.00 -31.55
C LYS D 291 11.08 25.45 -31.23
N GLN D 292 11.14 24.20 -30.75
CA GLN D 292 12.42 23.51 -30.58
C GLN D 292 13.00 23.08 -31.92
N TYR D 293 12.19 22.48 -32.79
CA TYR D 293 12.64 21.98 -34.10
C TYR D 293 13.38 23.03 -34.97
N PHE D 294 12.75 24.20 -35.13
CA PHE D 294 13.29 25.26 -36.03
C PHE D 294 14.33 26.19 -35.38
N GLU D 295 14.01 26.67 -34.17
CA GLU D 295 14.77 27.71 -33.51
C GLU D 295 15.78 27.17 -32.51
N GLY D 296 15.50 26.02 -31.90
CA GLY D 296 16.34 25.48 -30.82
C GLY D 296 17.77 25.10 -31.21
N THR D 297 18.64 25.05 -30.20
CA THR D 297 19.98 24.48 -30.35
C THR D 297 20.23 23.46 -29.24
N MET D 298 21.20 22.59 -29.48
CA MET D 298 21.56 21.51 -28.57
C MET D 298 22.62 21.96 -27.56
N THR D 299 22.42 21.61 -26.30
CA THR D 299 23.32 21.94 -25.19
C THR D 299 24.38 20.87 -24.86
N VAL D 300 24.18 19.64 -25.31
CA VAL D 300 25.00 18.50 -24.88
C VAL D 300 26.08 18.20 -25.93
N GLU D 301 27.27 17.78 -25.48
CA GLU D 301 28.31 17.28 -26.42
C GLU D 301 27.98 15.86 -26.90
N PRO D 302 28.40 15.48 -28.12
CA PRO D 302 29.20 16.28 -29.04
C PRO D 302 28.36 17.02 -30.09
N TYR D 303 27.23 17.60 -29.67
CA TYR D 303 26.30 18.27 -30.57
C TYR D 303 26.04 19.68 -30.08
N LYS D 304 27.03 20.30 -29.41
CA LYS D 304 26.80 21.57 -28.71
C LYS D 304 26.53 22.71 -29.73
N GLY D 305 25.51 23.53 -29.45
CA GLY D 305 25.06 24.61 -30.35
C GLY D 305 24.50 24.21 -31.72
N MET D 306 24.20 22.92 -31.89
CA MET D 306 23.86 22.33 -33.19
C MET D 306 22.36 22.43 -33.42
N LYS D 307 21.93 22.39 -34.69
CA LYS D 307 20.50 22.44 -35.01
C LYS D 307 19.77 21.10 -34.69
N ILE D 308 18.55 21.21 -34.14
CA ILE D 308 17.79 20.05 -33.63
C ILE D 308 17.57 18.99 -34.72
N TYR D 309 17.20 19.45 -35.91
CA TYR D 309 17.01 18.57 -37.05
C TYR D 309 18.30 17.86 -37.43
N ASN D 310 19.43 18.56 -37.39
CA ASN D 310 20.71 17.94 -37.75
C ASN D 310 21.26 17.01 -36.67
N CYS D 311 20.92 17.28 -35.41
CA CYS D 311 21.37 16.46 -34.29
C CYS D 311 20.65 15.10 -34.26
N ARG D 312 19.31 15.19 -34.24
CA ARG D 312 18.40 14.04 -34.41
C ARG D 312 18.92 13.01 -35.40
N LYS D 313 19.21 13.43 -36.61
CA LYS D 313 19.76 12.58 -37.67
C LYS D 313 20.98 11.77 -37.21
N LEU D 314 21.88 12.43 -36.47
CA LEU D 314 23.12 11.79 -35.98
C LEU D 314 22.89 10.92 -34.75
N VAL D 315 21.93 11.31 -33.92
CA VAL D 315 21.52 10.53 -32.76
C VAL D 315 20.86 9.23 -33.21
N LYS D 316 20.04 9.29 -34.27
CA LYS D 316 19.40 8.10 -34.81
C LYS D 316 20.43 7.18 -35.45
N GLN D 317 21.38 7.73 -36.19
CA GLN D 317 22.51 6.93 -36.70
C GLN D 317 23.32 6.32 -35.56
N TYR D 318 23.47 7.05 -34.45
CA TYR D 318 24.23 6.55 -33.29
C TYR D 318 23.48 5.37 -32.67
N ILE D 319 22.21 5.59 -32.37
CA ILE D 319 21.31 4.58 -31.81
C ILE D 319 21.38 3.29 -32.64
N ILE D 320 21.06 3.40 -33.93
CA ILE D 320 20.99 2.23 -34.85
C ILE D 320 22.34 1.51 -35.00
N LYS D 321 23.44 2.27 -34.95
CA LYS D 321 24.77 1.69 -35.12
C LYS D 321 25.22 0.92 -33.87
N ASN D 322 24.81 1.39 -32.68
CA ASN D 322 25.15 0.70 -31.41
C ASN D 322 24.11 -0.33 -30.94
N ASN D 323 23.09 -0.57 -31.76
CA ASN D 323 22.06 -1.56 -31.47
C ASN D 323 21.31 -1.24 -30.18
N GLU D 324 21.13 0.06 -29.91
CA GLU D 324 20.36 0.54 -28.76
C GLU D 324 18.90 0.86 -29.09
N GLY D 325 18.46 0.57 -30.31
CA GLY D 325 17.09 0.86 -30.68
C GLY D 325 16.78 0.51 -32.11
N PHE D 326 15.69 1.06 -32.63
CA PHE D 326 15.15 0.69 -33.93
C PHE D 326 14.40 1.84 -34.56
N LEU D 327 14.30 1.84 -35.89
CA LEU D 327 13.43 2.78 -36.58
C LEU D 327 12.09 2.08 -36.75
N TYR D 328 11.02 2.85 -36.71
CA TYR D 328 9.68 2.31 -36.60
C TYR D 328 8.68 3.23 -37.29
N SER D 329 7.97 2.67 -38.27
CA SER D 329 6.82 3.29 -38.91
C SER D 329 5.63 2.37 -38.76
N GLU D 330 4.46 2.97 -38.70
CA GLU D 330 3.22 2.25 -38.72
C GLU D 330 2.33 2.90 -39.77
#